data_7RXC
#
_entry.id   7RXC
#
_cell.length_a   1.00
_cell.length_b   1.00
_cell.length_c   1.00
_cell.angle_alpha   90.00
_cell.angle_beta   90.00
_cell.angle_gamma   90.00
#
_symmetry.space_group_name_H-M   'P 1'
#
loop_
_entity.id
_entity.type
_entity.pdbx_description
1 polymer 'Fab_8D3_2 heavy chain'
2 polymer 'Fab_8D3_2 light chain'
3 polymer Nb_KR
4 polymer 'Maltodextrin-binding protein,Immunoglobulin G-binding protein A,Immunoglobulin G-binding protein G'
5 polymer 'ER lumen protein-retaining receptor 2'
6 branched alpha-D-glucopyranose-(1-4)-alpha-D-glucopyranose
7 non-polymer '(2S)-3-(hexadecanoyloxy)-2-[(9Z)-octadec-9-enoyloxy]propyl 2-(trimethylammonio)ethyl phosphate'
#
loop_
_entity_poly.entity_id
_entity_poly.type
_entity_poly.pdbx_seq_one_letter_code
_entity_poly.pdbx_strand_id
1 'polypeptide(L)'
;DVQLVESGGGLVQPGKSLRLSCAASGFTFSNFGMHWVRQAPEMGLEWVAYISSGSTTKYYGDTVKGRFTISRDNPKNTLY
LQMNSLRSEDTAMYYCARRPLYDGDYGYPMDYWGQGTSVTVSSASTKGPSVFPLAPSSKSTSGGTAALGCLVKDYFPEPV
TVSWNSGALTSGVHTFPAVLQSSGLYSLSSVVTVPSSSLGTQTYICNVNHKPSNTKVDKKVEPKSCGSHHHHHH
;
H
2 'polypeptide(L)'
;NIMLTQSPSSLAVSAGERVTMSCKSTQSILYNSNQKTYLAWYQQKPGQSPKLLIYWASTRASGVPDRFTGSGSGTDFTLT
INSVQPEDLAVYYCHQYLSAWTFGGGTKLEIKRTVAAPSVFIFPPSDEQLKSGTASVVCLLNNFYPREAKVQWKVDNALQ
SGNSQESVTEQDSKDSTYSLSSTLTLSKADYEKHKVYACEVTHQGLSSPVTKSFNRGEC
;
L
3 'polypeptide(L)'
;QVQLVESGGGLVQAGGSLRLSCAASGFPVKRWSMTWYRQAPGKEREWVAAIRSAGHWTHYADSVKGRFTISRDNAKNTVY
LQMNSLKPEDTAVYYCNVKDEGDFSYWYDYWGQGTQVTVSSLEHHHHHH
;
N
4 'polypeptide(L)'
;MKIEEGKLVIWINGDKGYNGLAEVGKKFEKDTGIKVTVEHPDKLEEKFPQVAATGDGPDIIFWAHDRFGGYAQSGLLAEI
TPDKAFQDKLYPFTWDAVRYNGKLIAYPIAVEALSLIYNKDLLPNPPKTWEEIPALDKELKAKGKSALMFNLQEPYFTWP
LIAADGGYAFKYENGKYDIKDVGVDNAGAKAGLTFLVDLIKNKHMNADTDYSIAEAAFNKGETAMTINGPWAWSNIDTSK
VNYGVTVLPTFKGQPSKPFVGVLSAGINAASPNKELAKEFLENYLLTDEGLEAVNKDKPLGAVALKSYEEELAKDPRIAA
TMENAQKGEIMPNIPQMSAFWYAVRTAVINAASGRQTVDQALAFAQILIMPNLTEEQRNGFIQSLKDDPSVSKEILAEAK
KLNEHQAPKGGSGGAGSGDQQSAFYEILNMPNLNEAQRNGFIQSLKDDPSQSTNVLGEAKKLNESQAGGGSGGGSGGSAV
TTYKLVINGKTLKGETTTKAVDAETAEKAFKQYANDNGVDGVWTYDDATKTFTVTEGSGHHHHHH
;
B
5 'polypeptide(L)'
;MNIFRLTGDLSHLAAIIILLLKIWKSRSCAGISGKSQLLFALVFTTRYLDLFTSFISLYNTSMKLIYIACSYATVYLIYM
KFKATYDGNHDTFRVEFLIVPVGGLSFLVNHDFSPLEILWTFSIYLESVAILPQLFMISKTGEAETITTHYLFFLGLYRA
LYLVNWIWRYYFEGFFDLIAVVAGVVQTVLYCDFFYLYVTKVLKGKKLSLPAGSGGENLYFQSGGGMDEKTTGWRGGHVV
EGLAGELEQLRARLEHHPQGQREP
;
K
#
loop_
_chem_comp.id
_chem_comp.type
_chem_comp.name
_chem_comp.formula
GLC D-saccharide, alpha linking alpha-D-glucopyranose 'C6 H12 O6'
POV non-polymer '(2S)-3-(hexadecanoyloxy)-2-[(9Z)-octadec-9-enoyloxy]propyl 2-(trimethylammonio)ethyl phosphate' 'C42 H82 N O8 P'
#
# COMPACT_ATOMS: atom_id res chain seq x y z
N ASP A 1 25.49 -25.87 12.00
CA ASP A 1 24.18 -26.03 11.39
C ASP A 1 23.31 -24.81 11.63
N VAL A 2 22.26 -24.67 10.81
CA VAL A 2 21.35 -23.54 10.96
C VAL A 2 20.54 -23.71 12.24
N GLN A 3 20.51 -22.67 13.07
CA GLN A 3 19.79 -22.69 14.32
C GLN A 3 19.03 -21.39 14.48
N LEU A 4 17.77 -21.50 14.91
CA LEU A 4 16.91 -20.34 15.17
C LEU A 4 16.25 -20.56 16.52
N VAL A 5 16.56 -19.70 17.50
CA VAL A 5 16.01 -19.83 18.84
C VAL A 5 15.22 -18.56 19.16
N GLU A 6 13.96 -18.74 19.53
CA GLU A 6 13.10 -17.62 19.85
C GLU A 6 12.99 -17.43 21.36
N SER A 7 12.58 -16.23 21.75
CA SER A 7 12.47 -15.87 23.16
C SER A 7 11.55 -14.66 23.27
N GLY A 8 11.10 -14.41 24.51
CA GLY A 8 10.22 -13.31 24.80
C GLY A 8 8.78 -13.69 25.06
N GLY A 9 8.35 -14.89 24.65
CA GLY A 9 6.97 -15.27 24.83
C GLY A 9 6.58 -15.38 26.29
N GLY A 10 5.28 -15.29 26.53
CA GLY A 10 4.78 -15.31 27.90
C GLY A 10 3.34 -14.84 27.94
N LEU A 11 2.93 -14.41 29.14
CA LEU A 11 1.56 -14.00 29.41
C LEU A 11 1.46 -12.48 29.44
N VAL A 12 0.52 -11.93 28.68
CA VAL A 12 0.27 -10.49 28.68
C VAL A 12 -1.23 -10.22 28.67
N GLN A 13 -1.59 -9.04 29.15
CA GLN A 13 -2.97 -8.60 29.14
C GLN A 13 -3.38 -8.17 27.73
N PRO A 14 -4.66 -8.19 27.41
CA PRO A 14 -5.12 -7.66 26.12
C PRO A 14 -4.75 -6.20 25.95
N GLY A 15 -4.36 -5.83 24.72
CA GLY A 15 -3.96 -4.48 24.42
C GLY A 15 -2.53 -4.15 24.74
N LYS A 16 -1.81 -5.02 25.44
CA LYS A 16 -0.43 -4.75 25.80
C LYS A 16 0.50 -5.03 24.62
N SER A 17 1.78 -4.72 24.81
CA SER A 17 2.80 -4.89 23.79
C SER A 17 3.83 -5.91 24.27
N LEU A 18 4.31 -6.74 23.36
CA LEU A 18 5.35 -7.70 23.66
C LEU A 18 6.31 -7.78 22.49
N ARG A 19 7.59 -7.86 22.79
CA ARG A 19 8.62 -8.01 21.76
C ARG A 19 9.19 -9.41 21.80
N LEU A 20 9.07 -10.13 20.69
CA LEU A 20 9.69 -11.43 20.54
C LEU A 20 11.00 -11.29 19.78
N SER A 21 11.99 -12.09 20.18
CA SER A 21 13.30 -12.09 19.57
C SER A 21 13.61 -13.48 19.01
N CYS A 22 14.38 -13.50 17.93
CA CYS A 22 14.80 -14.75 17.29
C CYS A 22 16.28 -14.61 16.97
N ALA A 23 17.11 -15.33 17.71
CA ALA A 23 18.55 -15.36 17.46
C ALA A 23 18.86 -16.45 16.46
N ALA A 24 19.57 -16.08 15.40
CA ALA A 24 19.91 -16.99 14.32
C ALA A 24 21.41 -17.24 14.32
N SER A 25 21.80 -18.48 14.01
CA SER A 25 23.21 -18.85 13.97
C SER A 25 23.39 -19.95 12.94
N GLY A 26 24.64 -20.19 12.57
CA GLY A 26 24.96 -21.19 11.58
C GLY A 26 24.84 -20.72 10.14
N PHE A 27 24.44 -19.46 9.92
CA PHE A 27 24.32 -18.92 8.58
C PHE A 27 24.41 -17.40 8.67
N THR A 28 24.46 -16.76 7.51
CA THR A 28 24.55 -15.30 7.44
C THR A 28 23.15 -14.72 7.58
N PHE A 29 22.87 -14.14 8.76
CA PHE A 29 21.52 -13.62 9.02
C PHE A 29 21.20 -12.42 8.15
N SER A 30 22.22 -11.62 7.80
CA SER A 30 21.99 -10.42 7.01
C SER A 30 21.71 -10.73 5.55
N ASN A 31 21.82 -11.99 5.13
CA ASN A 31 21.63 -12.35 3.73
C ASN A 31 20.24 -12.93 3.45
N PHE A 32 19.51 -13.36 4.47
CA PHE A 32 18.25 -14.09 4.28
C PHE A 32 17.08 -13.29 4.81
N GLY A 33 15.95 -13.38 4.11
CA GLY A 33 14.71 -12.87 4.63
C GLY A 33 14.15 -13.75 5.72
N MET A 34 13.28 -13.17 6.56
CA MET A 34 12.80 -13.85 7.74
C MET A 34 11.28 -13.72 7.86
N HIS A 35 10.66 -14.80 8.32
CA HIS A 35 9.22 -14.89 8.53
C HIS A 35 8.93 -15.10 10.00
N TRP A 36 7.77 -14.59 10.44
CA TRP A 36 7.15 -14.96 11.70
C TRP A 36 5.85 -15.66 11.39
N VAL A 37 5.70 -16.89 11.85
CA VAL A 37 4.53 -17.72 11.61
C VAL A 37 4.00 -18.23 12.95
N ARG A 38 2.72 -18.02 13.22
CA ARG A 38 2.14 -18.44 14.47
C ARG A 38 1.16 -19.60 14.25
N GLN A 39 1.04 -20.45 15.27
CA GLN A 39 0.18 -21.61 15.22
C GLN A 39 -0.65 -21.69 16.50
N ALA A 40 -1.96 -21.85 16.35
CA ALA A 40 -2.89 -22.04 17.45
C ALA A 40 -3.80 -23.23 17.15
N PRO A 41 -4.31 -23.90 18.18
CA PRO A 41 -5.14 -25.09 17.92
C PRO A 41 -6.35 -24.83 17.03
N GLU A 42 -7.05 -23.72 17.24
CA GLU A 42 -8.18 -23.35 16.40
C GLU A 42 -7.77 -22.52 15.19
N MET A 43 -6.48 -22.50 14.85
CA MET A 43 -5.95 -21.65 13.82
C MET A 43 -5.06 -22.35 12.81
N GLY A 44 -4.34 -23.39 13.23
CA GLY A 44 -3.37 -24.01 12.34
C GLY A 44 -2.20 -23.09 12.09
N LEU A 45 -1.33 -23.51 11.17
CA LEU A 45 -0.21 -22.67 10.77
C LEU A 45 -0.73 -21.42 10.07
N GLU A 46 -0.24 -20.27 10.48
CA GLU A 46 -0.63 -18.99 9.88
C GLU A 46 0.57 -18.07 9.81
N TRP A 47 0.96 -17.70 8.59
CA TRP A 47 2.02 -16.72 8.42
C TRP A 47 1.58 -15.36 8.95
N VAL A 48 2.50 -14.67 9.62
CA VAL A 48 2.20 -13.39 10.28
C VAL A 48 3.00 -12.25 9.67
N ALA A 49 4.32 -12.36 9.66
CA ALA A 49 5.15 -11.23 9.24
C ALA A 49 6.31 -11.71 8.39
N TYR A 50 6.85 -10.79 7.60
CA TYR A 50 8.01 -11.07 6.76
C TYR A 50 8.83 -9.80 6.59
N ILE A 51 10.15 -9.95 6.70
CA ILE A 51 11.09 -8.84 6.48
C ILE A 51 12.20 -9.34 5.57
N SER A 52 12.63 -8.49 4.65
CA SER A 52 13.68 -8.86 3.70
C SER A 52 15.04 -8.78 4.37
N SER A 53 16.08 -9.13 3.62
CA SER A 53 17.44 -9.13 4.17
C SER A 53 17.88 -7.73 4.57
N GLY A 54 17.48 -6.73 3.79
CA GLY A 54 17.84 -5.35 4.06
C GLY A 54 16.76 -4.52 4.74
N SER A 55 15.70 -5.16 5.24
CA SER A 55 14.55 -4.51 5.88
C SER A 55 13.78 -3.61 4.93
N THR A 56 14.10 -3.64 3.63
CA THR A 56 13.39 -2.81 2.67
C THR A 56 11.93 -3.24 2.54
N THR A 57 11.69 -4.54 2.47
CA THR A 57 10.35 -5.09 2.24
C THR A 57 9.82 -5.70 3.52
N LYS A 58 8.62 -5.26 3.93
CA LYS A 58 7.95 -5.80 5.10
C LYS A 58 6.51 -6.13 4.74
N TYR A 59 6.11 -7.36 5.00
CA TYR A 59 4.75 -7.82 4.75
C TYR A 59 4.13 -8.31 6.04
N TYR A 60 2.83 -8.08 6.19
CA TYR A 60 2.10 -8.51 7.38
C TYR A 60 0.79 -9.15 6.97
N GLY A 61 0.30 -10.06 7.81
CA GLY A 61 -0.98 -10.69 7.57
C GLY A 61 -2.13 -9.72 7.72
N ASP A 62 -3.27 -10.09 7.14
CA ASP A 62 -4.44 -9.22 7.17
C ASP A 62 -4.93 -9.00 8.60
N THR A 63 -4.93 -10.04 9.42
CA THR A 63 -5.44 -9.95 10.78
C THR A 63 -4.40 -9.41 11.76
N VAL A 64 -3.18 -9.15 11.31
CA VAL A 64 -2.13 -8.62 12.17
C VAL A 64 -1.59 -7.28 11.70
N LYS A 65 -1.94 -6.84 10.49
CA LYS A 65 -1.39 -5.59 9.98
C LYS A 65 -1.89 -4.41 10.78
N GLY A 66 -1.00 -3.44 11.02
CA GLY A 66 -1.30 -2.28 11.82
C GLY A 66 -1.08 -2.46 13.29
N ARG A 67 -0.95 -3.70 13.76
CA ARG A 67 -0.66 -4.01 15.15
C ARG A 67 0.72 -4.59 15.36
N PHE A 68 1.20 -5.41 14.42
CA PHE A 68 2.49 -6.09 14.59
C PHE A 68 3.51 -5.42 13.67
N THR A 69 4.73 -5.27 14.16
CA THR A 69 5.81 -4.70 13.37
C THR A 69 7.02 -5.61 13.44
N ILE A 70 7.63 -5.91 12.30
CA ILE A 70 8.78 -6.79 12.23
C ILE A 70 10.02 -5.95 11.93
N SER A 71 11.16 -6.36 12.50
CA SER A 71 12.41 -5.65 12.31
C SER A 71 13.54 -6.65 12.52
N ARG A 72 14.78 -6.19 12.31
CA ARG A 72 15.92 -7.08 12.46
C ARG A 72 17.18 -6.29 12.74
N ASP A 73 18.03 -6.85 13.60
CA ASP A 73 19.36 -6.34 13.88
C ASP A 73 20.33 -7.31 13.21
N ASN A 74 20.82 -6.92 12.03
CA ASN A 74 21.64 -7.82 11.22
C ASN A 74 22.96 -8.21 11.86
N PRO A 75 23.79 -7.28 12.35
CA PRO A 75 25.06 -7.70 12.97
C PRO A 75 24.88 -8.41 14.30
N LYS A 76 23.81 -8.14 15.03
CA LYS A 76 23.48 -8.92 16.22
C LYS A 76 22.75 -10.21 15.89
N ASN A 77 22.46 -10.46 14.62
CA ASN A 77 21.81 -11.69 14.16
C ASN A 77 20.51 -11.93 14.91
N THR A 78 19.69 -10.89 15.02
CA THR A 78 18.45 -10.99 15.76
C THR A 78 17.29 -10.51 14.89
N LEU A 79 16.14 -11.17 15.06
CA LEU A 79 14.90 -10.79 14.41
C LEU A 79 13.89 -10.43 15.48
N TYR A 80 13.15 -9.34 15.27
CA TYR A 80 12.27 -8.80 16.29
C TYR A 80 10.84 -8.71 15.76
N LEU A 81 9.89 -9.05 16.61
CA LEU A 81 8.46 -8.88 16.32
C LEU A 81 7.83 -8.13 17.49
N GLN A 82 7.48 -6.87 17.27
CA GLN A 82 6.82 -6.06 18.28
C GLN A 82 5.32 -6.10 18.08
N MET A 83 4.62 -6.64 19.07
CA MET A 83 3.18 -6.82 19.01
C MET A 83 2.50 -5.79 19.90
N ASN A 84 1.57 -5.03 19.31
CA ASN A 84 0.84 -3.99 20.01
C ASN A 84 -0.65 -4.22 19.87
N SER A 85 -1.40 -3.80 20.90
CA SER A 85 -2.85 -3.95 20.95
C SER A 85 -3.25 -5.42 20.78
N LEU A 86 -2.66 -6.27 21.62
CA LEU A 86 -2.88 -7.70 21.52
C LEU A 86 -4.31 -8.08 21.88
N ARG A 87 -4.80 -9.14 21.25
CA ARG A 87 -6.13 -9.69 21.48
C ARG A 87 -6.01 -11.15 21.89
N SER A 88 -7.16 -11.75 22.21
CA SER A 88 -7.17 -13.17 22.58
C SER A 88 -6.80 -14.06 21.41
N GLU A 89 -7.17 -13.65 20.19
CA GLU A 89 -6.85 -14.45 19.01
C GLU A 89 -5.36 -14.51 18.72
N ASP A 90 -4.56 -13.66 19.34
CA ASP A 90 -3.12 -13.65 19.11
C ASP A 90 -2.37 -14.65 19.99
N THR A 91 -3.05 -15.39 20.84
CA THR A 91 -2.42 -16.43 21.64
C THR A 91 -2.04 -17.60 20.74
N ALA A 92 -0.74 -17.87 20.64
CA ALA A 92 -0.26 -18.91 19.74
C ALA A 92 1.21 -19.18 20.02
N MET A 93 1.71 -20.27 19.46
CA MET A 93 3.15 -20.53 19.42
C MET A 93 3.72 -19.82 18.20
N TYR A 94 4.73 -18.99 18.42
CA TYR A 94 5.31 -18.18 17.36
C TYR A 94 6.67 -18.76 16.96
N TYR A 95 6.85 -18.94 15.66
CA TYR A 95 8.07 -19.48 15.07
C TYR A 95 8.70 -18.41 14.19
N CYS A 96 10.03 -18.32 14.24
CA CYS A 96 10.78 -17.55 13.27
C CYS A 96 11.35 -18.52 12.24
N ALA A 97 11.17 -18.18 10.96
CA ALA A 97 11.55 -19.08 9.88
C ALA A 97 12.44 -18.32 8.90
N ARG A 98 13.30 -19.06 8.22
CA ARG A 98 14.25 -18.50 7.27
C ARG A 98 13.72 -18.65 5.85
N ARG A 99 13.60 -17.54 5.14
CA ARG A 99 13.24 -17.59 3.73
C ARG A 99 14.51 -17.77 2.91
N PRO A 100 14.64 -18.87 2.17
CA PRO A 100 15.88 -19.09 1.41
C PRO A 100 16.08 -18.05 0.33
N LEU A 101 17.25 -18.10 -0.29
CA LEU A 101 17.64 -17.08 -1.25
C LEU A 101 16.96 -17.31 -2.60
N TYR A 102 16.29 -16.28 -3.10
CA TYR A 102 15.73 -16.25 -4.45
C TYR A 102 14.81 -17.45 -4.69
N ASP A 103 13.70 -17.48 -3.96
CA ASP A 103 12.73 -18.54 -4.14
C ASP A 103 12.02 -18.46 -5.49
N GLY A 104 12.12 -17.31 -6.17
CA GLY A 104 11.60 -17.23 -7.53
C GLY A 104 12.45 -17.97 -8.55
N ASP A 105 13.72 -18.20 -8.23
CA ASP A 105 14.64 -18.92 -9.10
C ASP A 105 14.79 -20.39 -8.72
N TYR A 106 15.09 -20.67 -7.45
CA TYR A 106 15.35 -22.03 -6.99
C TYR A 106 14.12 -22.70 -6.41
N GLY A 107 13.23 -21.95 -5.77
CA GLY A 107 11.95 -22.47 -5.36
C GLY A 107 11.85 -22.96 -3.93
N TYR A 108 12.87 -22.75 -3.11
CA TYR A 108 12.82 -23.22 -1.73
C TYR A 108 11.85 -22.38 -0.91
N PRO A 109 10.90 -23.00 -0.22
CA PRO A 109 10.07 -22.25 0.73
C PRO A 109 10.72 -22.20 2.09
N MET A 110 10.00 -21.70 3.11
CA MET A 110 10.50 -21.65 4.47
C MET A 110 11.12 -22.99 4.85
N ASP A 111 12.42 -23.00 5.11
CA ASP A 111 13.16 -24.27 5.26
C ASP A 111 13.55 -24.57 6.70
N TYR A 112 13.95 -23.57 7.47
CA TYR A 112 14.38 -23.77 8.84
C TYR A 112 13.48 -22.99 9.78
N TRP A 113 12.99 -23.66 10.82
CA TRP A 113 12.11 -23.06 11.80
C TRP A 113 12.72 -23.17 13.18
N GLY A 114 12.33 -22.23 14.05
CA GLY A 114 12.67 -22.32 15.45
C GLY A 114 11.68 -23.20 16.20
N GLN A 115 11.96 -23.40 17.49
CA GLN A 115 11.03 -24.15 18.32
C GLN A 115 9.78 -23.33 18.65
N GLY A 116 9.88 -22.01 18.57
CA GLY A 116 8.75 -21.16 18.85
C GLY A 116 8.58 -20.88 20.33
N THR A 117 7.90 -19.78 20.63
CA THR A 117 7.57 -19.41 21.99
C THR A 117 6.07 -19.18 22.11
N SER A 118 5.51 -19.59 23.24
CA SER A 118 4.08 -19.43 23.46
C SER A 118 3.79 -18.01 23.93
N VAL A 119 2.93 -17.32 23.20
CA VAL A 119 2.44 -16.00 23.59
C VAL A 119 0.96 -16.14 23.90
N THR A 120 0.61 -15.93 25.17
CA THR A 120 -0.77 -16.02 25.62
C THR A 120 -1.25 -14.67 26.11
N VAL A 121 -2.48 -14.34 25.76
CA VAL A 121 -3.06 -13.03 26.02
C VAL A 121 -4.34 -13.26 26.81
N SER A 122 -4.31 -12.91 28.10
CA SER A 122 -5.49 -13.03 28.95
C SER A 122 -5.29 -12.14 30.17
N SER A 123 -6.42 -11.67 30.71
CA SER A 123 -6.38 -10.82 31.90
C SER A 123 -6.01 -11.61 33.16
N ALA A 124 -6.14 -12.92 33.13
CA ALA A 124 -5.83 -13.74 34.30
C ALA A 124 -4.35 -13.63 34.64
N SER A 125 -4.06 -13.53 35.94
CA SER A 125 -2.69 -13.39 36.40
C SER A 125 -1.98 -14.74 36.41
N THR A 126 -0.65 -14.67 36.41
CA THR A 126 0.16 -15.89 36.46
C THR A 126 0.03 -16.57 37.81
N LYS A 127 0.14 -17.89 37.81
CA LYS A 127 0.09 -18.67 39.04
C LYS A 127 1.05 -19.85 38.92
N GLY A 128 1.96 -19.97 39.88
CA GLY A 128 2.91 -21.05 39.90
C GLY A 128 2.23 -22.39 40.12
N PRO A 129 2.80 -23.44 39.53
CA PRO A 129 2.19 -24.77 39.66
C PRO A 129 2.46 -25.38 41.03
N SER A 130 1.56 -26.29 41.42
CA SER A 130 1.71 -27.08 42.64
C SER A 130 1.86 -28.54 42.24
N VAL A 131 2.94 -29.16 42.70
CA VAL A 131 3.26 -30.53 42.33
C VAL A 131 2.93 -31.47 43.49
N PHE A 132 2.29 -32.59 43.16
CA PHE A 132 1.90 -33.59 44.13
C PHE A 132 2.41 -34.96 43.69
N PRO A 133 2.74 -35.84 44.62
CA PRO A 133 3.26 -37.15 44.23
C PRO A 133 2.15 -38.15 43.96
N LEU A 134 2.49 -39.16 43.16
CA LEU A 134 1.62 -40.31 42.95
C LEU A 134 2.36 -41.56 43.40
N ALA A 135 1.87 -42.16 44.48
CA ALA A 135 2.57 -43.29 45.10
C ALA A 135 2.52 -44.52 44.19
N PRO A 136 3.67 -45.10 43.82
CA PRO A 136 3.74 -46.31 43.00
C PRO A 136 3.36 -47.57 43.76
N ALA A 146 5.33 -51.53 37.27
CA ALA A 146 4.83 -50.45 38.12
C ALA A 146 5.14 -49.09 37.50
N ALA A 147 4.29 -48.11 37.80
CA ALA A 147 4.45 -46.76 37.29
C ALA A 147 4.28 -45.74 38.41
N LEU A 148 4.98 -44.63 38.26
CA LEU A 148 4.93 -43.53 39.23
C LEU A 148 4.93 -42.20 38.48
N GLY A 149 4.39 -41.17 39.12
CA GLY A 149 4.28 -39.89 38.44
C GLY A 149 4.04 -38.74 39.39
N CYS A 150 4.02 -37.55 38.81
CA CYS A 150 3.75 -36.31 39.53
C CYS A 150 2.55 -35.60 38.89
N LEU A 151 1.65 -35.12 39.73
CA LEU A 151 0.48 -34.37 39.28
C LEU A 151 0.74 -32.88 39.49
N VAL A 152 0.82 -32.14 38.40
CA VAL A 152 1.03 -30.69 38.43
C VAL A 152 -0.33 -30.04 38.27
N LYS A 153 -0.72 -29.21 39.24
CA LYS A 153 -2.07 -28.67 39.32
C LYS A 153 -2.02 -27.19 39.63
N ASP A 154 -3.06 -26.47 39.18
CA ASP A 154 -3.32 -25.09 39.56
C ASP A 154 -2.20 -24.14 39.11
N TYR A 155 -2.00 -24.08 37.80
CA TYR A 155 -1.05 -23.16 37.20
C TYR A 155 -1.65 -22.49 35.98
N PHE A 156 -1.14 -21.30 35.65
CA PHE A 156 -1.59 -20.55 34.49
C PHE A 156 -0.45 -19.65 34.03
N PRO A 157 -0.18 -19.53 32.72
CA PRO A 157 -0.83 -20.26 31.61
C PRO A 157 -0.30 -21.68 31.49
N GLU A 158 -0.39 -22.28 30.30
CA GLU A 158 0.01 -23.68 30.27
C GLU A 158 1.18 -23.96 29.33
N PRO A 159 2.19 -23.10 29.26
CA PRO A 159 3.54 -23.60 29.00
C PRO A 159 4.11 -24.26 30.24
N VAL A 160 4.49 -25.53 30.16
CA VAL A 160 5.13 -26.19 31.29
C VAL A 160 5.89 -27.40 30.76
N THR A 161 7.12 -27.56 31.21
CA THR A 161 7.97 -28.67 30.80
C THR A 161 8.24 -29.55 32.01
N VAL A 162 7.75 -30.78 31.97
CA VAL A 162 7.93 -31.72 33.07
C VAL A 162 8.77 -32.88 32.56
N SER A 163 9.91 -33.11 33.20
CA SER A 163 10.80 -34.20 32.84
C SER A 163 11.12 -35.01 34.09
N TRP A 164 11.91 -36.07 33.91
CA TRP A 164 12.27 -36.94 35.01
C TRP A 164 13.79 -37.09 35.07
N ASN A 165 14.36 -36.80 36.23
CA ASN A 165 15.81 -36.89 36.47
C ASN A 165 16.58 -36.05 35.45
N SER A 166 16.08 -34.84 35.19
CA SER A 166 16.72 -33.90 34.27
C SER A 166 16.89 -34.50 32.88
N GLY A 167 15.89 -35.27 32.44
CA GLY A 167 15.94 -35.91 31.15
C GLY A 167 16.80 -37.16 31.08
N ALA A 168 17.17 -37.74 32.23
CA ALA A 168 17.98 -38.95 32.22
C ALA A 168 17.24 -40.11 31.58
N LEU A 169 15.96 -40.27 31.90
CA LEU A 169 15.16 -41.37 31.38
C LEU A 169 13.97 -40.81 30.62
N THR A 170 13.79 -41.28 29.38
CA THR A 170 12.64 -40.92 28.56
C THR A 170 11.92 -42.16 28.02
N SER A 171 12.30 -43.36 28.45
CA SER A 171 11.68 -44.58 27.97
C SER A 171 10.53 -44.95 28.89
N GLY A 172 9.32 -44.98 28.33
CA GLY A 172 8.14 -45.30 29.09
C GLY A 172 7.53 -44.13 29.84
N VAL A 173 8.03 -42.92 29.64
CA VAL A 173 7.47 -41.74 30.31
C VAL A 173 6.33 -41.18 29.48
N HIS A 174 5.22 -40.87 30.15
CA HIS A 174 4.05 -40.30 29.50
C HIS A 174 3.67 -39.00 30.20
N THR A 175 3.62 -37.91 29.45
CA THR A 175 3.15 -36.64 29.95
C THR A 175 1.84 -36.29 29.27
N PHE A 176 0.93 -35.72 30.02
CA PHE A 176 -0.38 -35.58 29.41
C PHE A 176 -0.67 -34.12 29.08
N PRO A 177 -1.40 -33.89 27.99
CA PRO A 177 -1.80 -32.52 27.65
C PRO A 177 -2.61 -31.88 28.77
N ALA A 178 -2.32 -30.61 29.04
CA ALA A 178 -3.05 -29.87 30.06
C ALA A 178 -4.47 -29.58 29.57
N VAL A 179 -5.42 -29.69 30.49
CA VAL A 179 -6.84 -29.47 30.20
C VAL A 179 -7.36 -28.37 31.12
N LEU A 180 -8.33 -27.60 30.62
CA LEU A 180 -8.93 -26.55 31.42
C LEU A 180 -9.58 -27.13 32.66
N GLN A 181 -9.22 -26.60 33.83
CA GLN A 181 -9.84 -26.99 35.08
C GLN A 181 -10.98 -26.02 35.41
N SER A 182 -11.91 -26.49 36.25
CA SER A 182 -13.07 -25.68 36.61
C SER A 182 -12.66 -24.38 37.31
N SER A 183 -11.46 -24.32 37.90
CA SER A 183 -11.01 -23.12 38.58
C SER A 183 -10.40 -22.10 37.64
N GLY A 184 -10.33 -22.39 36.35
CA GLY A 184 -9.69 -21.51 35.40
C GLY A 184 -8.20 -21.75 35.24
N LEU A 185 -7.63 -22.71 35.96
CA LEU A 185 -6.22 -23.03 35.93
C LEU A 185 -6.01 -24.30 35.09
N TYR A 186 -4.74 -24.69 34.95
CA TYR A 186 -4.38 -25.85 34.15
C TYR A 186 -3.79 -26.94 35.04
N SER A 187 -3.98 -28.18 34.63
CA SER A 187 -3.49 -29.33 35.38
C SER A 187 -3.16 -30.46 34.43
N LEU A 188 -2.07 -31.17 34.72
CA LEU A 188 -1.69 -32.36 33.97
C LEU A 188 -0.88 -33.27 34.87
N SER A 189 -0.84 -34.54 34.52
CA SER A 189 -0.05 -35.53 35.23
C SER A 189 1.02 -36.08 34.31
N SER A 190 2.22 -36.29 34.85
CA SER A 190 3.33 -36.89 34.13
C SER A 190 3.68 -38.20 34.81
N VAL A 191 3.68 -39.29 34.05
CA VAL A 191 3.87 -40.63 34.60
C VAL A 191 4.95 -41.36 33.82
N VAL A 192 5.49 -42.39 34.45
CA VAL A 192 6.51 -43.23 33.83
C VAL A 192 6.45 -44.62 34.45
N THR A 193 6.63 -45.63 33.63
CA THR A 193 6.66 -47.01 34.09
C THR A 193 8.09 -47.39 34.44
N VAL A 194 8.26 -47.99 35.62
CA VAL A 194 9.60 -48.29 36.13
C VAL A 194 9.67 -49.76 36.53
N PRO A 195 10.86 -50.39 36.48
CA PRO A 195 11.04 -51.77 36.92
C PRO A 195 10.83 -51.93 38.42
N THR A 203 15.71 -43.92 42.85
CA THR A 203 15.02 -42.69 43.19
C THR A 203 14.75 -41.86 41.93
N TYR A 204 13.48 -41.53 41.71
CA TYR A 204 13.05 -40.78 40.53
C TYR A 204 12.60 -39.39 40.96
N ILE A 205 13.11 -38.37 40.27
CA ILE A 205 12.79 -36.97 40.55
C ILE A 205 12.04 -36.41 39.36
N CYS A 206 10.87 -35.82 39.61
CA CYS A 206 10.15 -35.09 38.58
C CYS A 206 10.52 -33.62 38.66
N ASN A 207 10.96 -33.07 37.54
CA ASN A 207 11.43 -31.70 37.46
C ASN A 207 10.45 -30.92 36.60
N VAL A 208 9.85 -29.89 37.18
CA VAL A 208 8.81 -29.11 36.50
C VAL A 208 9.34 -27.70 36.32
N ASN A 209 9.22 -27.18 35.09
CA ASN A 209 9.65 -25.83 34.76
C ASN A 209 8.45 -25.07 34.20
N HIS A 210 8.11 -23.96 34.83
CA HIS A 210 7.02 -23.08 34.41
C HIS A 210 7.62 -21.74 34.04
N LYS A 211 7.82 -21.51 32.74
CA LYS A 211 8.51 -20.30 32.30
C LYS A 211 7.79 -19.02 32.70
N PRO A 212 6.47 -18.86 32.47
CA PRO A 212 5.83 -17.57 32.80
C PRO A 212 5.97 -17.17 34.26
N SER A 213 5.93 -18.13 35.18
CA SER A 213 6.11 -17.84 36.60
C SER A 213 7.52 -18.12 37.08
N ASN A 214 8.43 -18.54 36.19
CA ASN A 214 9.80 -18.86 36.55
C ASN A 214 9.86 -19.85 37.71
N THR A 215 9.05 -20.90 37.62
CA THR A 215 8.92 -21.89 38.69
C THR A 215 9.62 -23.17 38.25
N LYS A 216 10.76 -23.45 38.88
CA LYS A 216 11.51 -24.67 38.65
C LYS A 216 11.50 -25.46 39.95
N VAL A 217 10.73 -26.54 39.99
CA VAL A 217 10.54 -27.33 41.20
C VAL A 217 11.01 -28.75 40.95
N ASP A 218 11.81 -29.28 41.87
CA ASP A 218 12.40 -30.60 41.75
C ASP A 218 11.84 -31.46 42.88
N LYS A 219 10.99 -32.43 42.54
CA LYS A 219 10.20 -33.15 43.54
C LYS A 219 10.48 -34.64 43.50
N LYS A 220 10.58 -35.24 44.68
CA LYS A 220 10.74 -36.68 44.80
C LYS A 220 9.38 -37.37 44.89
N VAL A 221 9.36 -38.65 44.49
CA VAL A 221 8.17 -39.48 44.57
C VAL A 221 8.50 -40.69 45.45
N GLU A 222 7.69 -40.92 46.47
CA GLU A 222 7.84 -42.04 47.37
C GLU A 222 6.46 -42.62 47.70
N PRO A 223 6.39 -43.92 48.01
CA PRO A 223 5.11 -44.55 48.39
C PRO A 223 4.50 -43.95 49.64
N ASN B 1 -2.68 -13.33 -1.32
CA ASN B 1 -3.31 -14.34 -0.47
C ASN B 1 -4.10 -15.35 -1.30
N ILE B 2 -3.73 -16.62 -1.18
CA ILE B 2 -4.40 -17.71 -1.88
C ILE B 2 -4.79 -18.75 -0.84
N MET B 3 -6.10 -18.91 -0.63
CA MET B 3 -6.57 -19.84 0.39
C MET B 3 -6.31 -21.27 -0.02
N LEU B 4 -6.12 -22.12 0.98
CA LEU B 4 -5.87 -23.55 0.79
C LEU B 4 -6.79 -24.36 1.69
N THR B 5 -7.38 -25.41 1.16
CA THR B 5 -8.21 -26.33 1.92
C THR B 5 -7.62 -27.73 1.82
N GLN B 6 -7.68 -28.49 2.90
CA GLN B 6 -7.08 -29.81 2.95
C GLN B 6 -8.11 -30.87 3.28
N SER B 7 -8.00 -32.02 2.61
CA SER B 7 -8.91 -33.13 2.81
C SER B 7 -8.14 -34.44 2.81
N PRO B 8 -8.48 -35.36 3.73
CA PRO B 8 -9.48 -35.18 4.79
C PRO B 8 -8.92 -34.42 5.99
N SER B 9 -9.80 -33.98 6.89
CA SER B 9 -9.36 -33.29 8.10
C SER B 9 -8.48 -34.19 8.95
N SER B 10 -8.84 -35.47 9.05
CA SER B 10 -8.03 -36.46 9.73
C SER B 10 -8.40 -37.84 9.21
N LEU B 11 -7.40 -38.71 9.11
CA LEU B 11 -7.63 -40.06 8.63
C LEU B 11 -6.60 -40.99 9.25
N ALA B 12 -6.98 -42.26 9.36
CA ALA B 12 -6.13 -43.28 9.96
C ALA B 12 -5.82 -44.36 8.95
N VAL B 13 -4.55 -44.76 8.89
CA VAL B 13 -4.08 -45.78 7.96
C VAL B 13 -3.14 -46.74 8.71
N SER B 14 -3.26 -48.02 8.42
CA SER B 14 -2.39 -49.01 9.03
C SER B 14 -0.97 -48.88 8.48
N ALA B 15 -0.01 -49.41 9.24
CA ALA B 15 1.38 -49.36 8.84
C ALA B 15 1.59 -50.12 7.52
N GLY B 16 2.33 -49.49 6.60
CA GLY B 16 2.58 -50.08 5.30
C GLY B 16 1.54 -49.77 4.25
N GLU B 17 0.41 -49.17 4.63
CA GLU B 17 -0.64 -48.82 3.69
C GLU B 17 -0.20 -47.63 2.85
N ARG B 18 -0.91 -47.43 1.73
CA ARG B 18 -0.73 -46.27 0.88
C ARG B 18 -1.78 -45.22 1.24
N VAL B 19 -1.34 -43.99 1.44
CA VAL B 19 -2.24 -42.90 1.82
C VAL B 19 -2.02 -41.73 0.87
N THR B 20 -3.10 -41.02 0.56
CA THR B 20 -3.06 -39.86 -0.31
C THR B 20 -3.95 -38.77 0.28
N MET B 21 -3.40 -37.56 0.39
CA MET B 21 -4.13 -36.44 0.96
C MET B 21 -4.06 -35.25 0.01
N SER B 22 -5.15 -34.48 -0.05
CA SER B 22 -5.35 -33.51 -1.11
C SER B 22 -5.42 -32.09 -0.56
N CYS B 23 -4.84 -31.16 -1.31
CA CYS B 23 -4.92 -29.73 -1.05
C CYS B 23 -5.53 -29.05 -2.27
N LYS B 24 -6.53 -28.21 -2.03
CA LYS B 24 -7.25 -27.49 -3.08
C LYS B 24 -7.06 -25.99 -2.87
N SER B 25 -6.62 -25.30 -3.91
CA SER B 25 -6.38 -23.87 -3.87
C SER B 25 -7.50 -23.13 -4.61
N THR B 26 -7.80 -21.93 -4.12
CA THR B 26 -8.86 -21.13 -4.74
C THR B 26 -8.48 -20.64 -6.13
N GLN B 27 -7.21 -20.70 -6.49
CA GLN B 27 -6.77 -20.31 -7.83
C GLN B 27 -5.47 -21.03 -8.13
N SER B 28 -5.11 -21.03 -9.42
CA SER B 28 -3.86 -21.65 -9.83
C SER B 28 -2.68 -20.90 -9.24
N ILE B 29 -1.67 -21.67 -8.81
CA ILE B 29 -0.48 -21.10 -8.19
C ILE B 29 0.73 -21.38 -9.06
N LEU B 30 0.52 -21.48 -10.37
CA LEU B 30 1.61 -21.70 -11.29
C LEU B 30 2.30 -20.38 -11.61
N TYR B 31 3.63 -20.41 -11.63
CA TYR B 31 4.42 -19.24 -11.97
C TYR B 31 4.69 -19.24 -13.46
N ASN B 32 4.48 -18.09 -14.11
CA ASN B 32 4.64 -18.02 -15.55
C ASN B 32 6.10 -18.01 -15.98
N SER B 33 6.99 -17.46 -15.15
CA SER B 33 8.38 -17.29 -15.56
C SER B 33 9.09 -18.64 -15.69
N ASN B 34 8.94 -19.52 -14.71
CA ASN B 34 9.67 -20.78 -14.71
C ASN B 34 8.77 -22.01 -14.83
N GLN B 35 7.46 -21.82 -15.01
CA GLN B 35 6.53 -22.94 -15.19
C GLN B 35 6.56 -23.92 -14.02
N LYS B 36 6.85 -23.42 -12.82
CA LYS B 36 6.89 -24.24 -11.62
C LYS B 36 5.72 -23.87 -10.73
N THR B 37 5.00 -24.88 -10.26
CA THR B 37 3.86 -24.67 -9.37
C THR B 37 4.36 -24.45 -7.96
N TYR B 38 4.03 -23.31 -7.37
CA TYR B 38 4.60 -22.91 -6.08
C TYR B 38 3.70 -23.41 -4.94
N LEU B 39 3.85 -24.70 -4.65
CA LEU B 39 3.20 -25.32 -3.50
C LEU B 39 4.19 -26.26 -2.83
N ALA B 40 4.10 -26.32 -1.50
CA ALA B 40 4.99 -27.12 -0.69
C ALA B 40 4.19 -27.91 0.34
N TRP B 41 4.76 -29.04 0.75
CA TRP B 41 4.17 -29.91 1.76
C TRP B 41 5.11 -29.95 2.95
N TYR B 42 4.57 -29.60 4.13
CA TYR B 42 5.28 -29.58 5.40
C TYR B 42 4.72 -30.64 6.33
N GLN B 43 5.59 -31.20 7.15
CA GLN B 43 5.23 -32.21 8.14
C GLN B 43 5.54 -31.69 9.53
N GLN B 44 4.55 -31.76 10.43
CA GLN B 44 4.69 -31.30 11.80
C GLN B 44 4.41 -32.47 12.73
N LYS B 45 5.48 -33.07 13.26
CA LYS B 45 5.31 -34.10 14.28
C LYS B 45 4.82 -33.46 15.57
N PRO B 46 4.15 -34.23 16.43
CA PRO B 46 3.59 -33.64 17.66
C PRO B 46 4.66 -32.98 18.50
N GLY B 47 4.39 -31.73 18.89
CA GLY B 47 5.35 -30.96 19.67
C GLY B 47 6.63 -30.63 18.95
N GLN B 48 6.55 -30.23 17.68
CA GLN B 48 7.73 -29.94 16.89
C GLN B 48 7.42 -28.84 15.89
N SER B 49 8.48 -28.19 15.41
CA SER B 49 8.35 -27.21 14.35
C SER B 49 8.09 -27.92 13.02
N PRO B 50 7.34 -27.29 12.11
CA PRO B 50 7.09 -27.90 10.81
C PRO B 50 8.39 -28.19 10.07
N LYS B 51 8.42 -29.32 9.37
CA LYS B 51 9.58 -29.75 8.61
C LYS B 51 9.20 -29.86 7.15
N LEU B 52 9.99 -29.23 6.28
CA LEU B 52 9.67 -29.22 4.86
C LEU B 52 9.87 -30.61 4.26
N LEU B 53 8.81 -31.12 3.63
CA LEU B 53 8.86 -32.39 2.92
C LEU B 53 9.06 -32.21 1.42
N ILE B 54 8.23 -31.37 0.80
CA ILE B 54 8.20 -31.27 -0.66
C ILE B 54 8.05 -29.81 -1.04
N TYR B 55 8.71 -29.40 -2.13
CA TYR B 55 8.52 -28.07 -2.68
C TYR B 55 8.37 -28.16 -4.20
N TRP B 56 7.80 -27.11 -4.77
CA TRP B 56 7.42 -27.05 -6.18
C TRP B 56 6.40 -28.13 -6.55
N ALA B 57 5.72 -28.67 -5.54
CA ALA B 57 4.60 -29.60 -5.67
C ALA B 57 5.00 -30.94 -6.24
N SER B 58 6.25 -31.07 -6.69
CA SER B 58 6.78 -32.36 -7.10
C SER B 58 8.15 -32.65 -6.49
N THR B 59 9.00 -31.64 -6.36
CA THR B 59 10.37 -31.87 -5.93
C THR B 59 10.42 -32.23 -4.45
N ARG B 60 11.24 -33.21 -4.11
CA ARG B 60 11.37 -33.70 -2.74
C ARG B 60 12.52 -32.98 -2.05
N ALA B 61 12.26 -32.46 -0.86
CA ALA B 61 13.28 -31.76 -0.10
C ALA B 61 14.41 -32.72 0.30
N SER B 62 15.58 -32.14 0.54
CA SER B 62 16.76 -32.94 0.85
C SER B 62 16.56 -33.73 2.15
N GLY B 63 16.90 -35.01 2.12
CA GLY B 63 16.81 -35.87 3.28
C GLY B 63 15.47 -36.54 3.49
N VAL B 64 14.46 -36.19 2.70
CA VAL B 64 13.12 -36.77 2.85
C VAL B 64 13.13 -38.20 2.33
N PRO B 65 12.55 -39.15 3.06
CA PRO B 65 12.48 -40.53 2.56
C PRO B 65 11.67 -40.59 1.27
N ASP B 66 12.03 -41.56 0.42
CA ASP B 66 11.44 -41.68 -0.90
C ASP B 66 9.95 -41.98 -0.87
N ARG B 67 9.40 -42.41 0.27
CA ARG B 67 7.98 -42.76 0.31
C ARG B 67 7.08 -41.54 0.17
N PHE B 68 7.60 -40.33 0.38
CA PHE B 68 6.82 -39.12 0.21
C PHE B 68 6.92 -38.66 -1.25
N THR B 69 5.78 -38.53 -1.91
CA THR B 69 5.73 -38.03 -3.29
C THR B 69 4.69 -36.94 -3.40
N GLY B 70 4.99 -35.92 -4.19
CA GLY B 70 4.07 -34.82 -4.43
C GLY B 70 3.58 -34.86 -5.87
N SER B 71 2.32 -34.51 -6.08
CA SER B 71 1.75 -34.47 -7.41
C SER B 71 0.65 -33.43 -7.45
N GLY B 72 0.17 -33.14 -8.65
CA GLY B 72 -0.95 -32.24 -8.83
C GLY B 72 -0.59 -31.06 -9.71
N SER B 73 -1.63 -30.29 -10.03
CA SER B 73 -1.50 -29.13 -10.90
C SER B 73 -2.78 -28.32 -10.77
N GLY B 74 -2.82 -27.20 -11.49
CA GLY B 74 -3.98 -26.33 -11.49
C GLY B 74 -4.37 -25.90 -10.08
N THR B 75 -5.48 -26.42 -9.58
CA THR B 75 -5.94 -26.11 -8.23
C THR B 75 -6.01 -27.33 -7.32
N ASP B 76 -5.55 -28.49 -7.76
CA ASP B 76 -5.61 -29.69 -6.94
C ASP B 76 -4.23 -30.36 -6.85
N PHE B 77 -3.82 -30.68 -5.62
CA PHE B 77 -2.52 -31.30 -5.38
C PHE B 77 -2.69 -32.43 -4.38
N THR B 78 -1.77 -33.39 -4.44
CA THR B 78 -1.81 -34.55 -3.58
C THR B 78 -0.43 -34.86 -3.02
N LEU B 79 -0.41 -35.29 -1.77
CA LEU B 79 0.76 -35.86 -1.12
C LEU B 79 0.49 -37.34 -0.88
N THR B 80 1.41 -38.19 -1.33
CA THR B 80 1.24 -39.63 -1.30
C THR B 80 2.36 -40.27 -0.49
N ILE B 81 2.00 -41.17 0.41
CA ILE B 81 2.95 -41.99 1.15
C ILE B 81 2.65 -43.45 0.80
N ASN B 82 3.64 -44.12 0.22
CA ASN B 82 3.44 -45.49 -0.25
C ASN B 82 3.38 -46.48 0.91
N SER B 83 4.27 -46.33 1.89
CA SER B 83 4.35 -47.23 3.04
C SER B 83 4.33 -46.38 4.30
N VAL B 84 3.14 -46.14 4.85
CA VAL B 84 3.01 -45.35 6.07
C VAL B 84 3.71 -46.05 7.22
N GLN B 85 4.70 -45.40 7.79
CA GLN B 85 5.42 -45.90 8.95
C GLN B 85 4.79 -45.37 10.23
N PRO B 86 5.00 -46.05 11.36
CA PRO B 86 4.51 -45.50 12.63
C PRO B 86 5.10 -44.15 12.97
N GLU B 87 6.29 -43.84 12.45
CA GLU B 87 6.90 -42.54 12.68
C GLU B 87 6.21 -41.42 11.90
N ASP B 88 5.45 -41.76 10.85
CA ASP B 88 4.81 -40.75 10.02
C ASP B 88 3.60 -40.10 10.65
N LEU B 89 3.31 -40.38 11.93
CA LEU B 89 2.18 -39.76 12.59
C LEU B 89 2.48 -38.28 12.83
N ALA B 90 1.82 -37.42 12.07
CA ALA B 90 2.08 -35.99 12.12
C ALA B 90 0.91 -35.27 11.46
N VAL B 91 0.92 -33.95 11.53
CA VAL B 91 -0.02 -33.11 10.81
C VAL B 91 0.68 -32.59 9.56
N TYR B 92 0.04 -32.73 8.40
CA TYR B 92 0.64 -32.35 7.13
C TYR B 92 -0.06 -31.12 6.60
N TYR B 93 0.73 -30.13 6.18
CA TYR B 93 0.23 -28.84 5.74
C TYR B 93 0.65 -28.60 4.30
N CYS B 94 -0.24 -27.99 3.51
CA CYS B 94 0.09 -27.48 2.20
C CYS B 94 0.26 -25.97 2.29
N HIS B 95 1.27 -25.45 1.58
CA HIS B 95 1.69 -24.07 1.73
C HIS B 95 2.02 -23.51 0.36
N GLN B 96 1.28 -22.49 -0.08
CA GLN B 96 1.58 -21.83 -1.33
C GLN B 96 2.40 -20.58 -1.03
N TYR B 97 3.53 -20.43 -1.72
CA TYR B 97 4.43 -19.31 -1.51
C TYR B 97 4.63 -18.53 -2.80
N LEU B 98 3.56 -18.36 -3.57
CA LEU B 98 3.60 -17.54 -4.77
C LEU B 98 3.15 -16.11 -4.47
N SER B 99 1.91 -15.96 -4.01
CA SER B 99 1.36 -14.67 -3.60
C SER B 99 1.20 -14.70 -2.09
N ALA B 100 2.07 -13.98 -1.39
CA ALA B 100 2.15 -14.03 0.06
C ALA B 100 2.39 -15.47 0.51
N TRP B 101 2.04 -15.79 1.75
CA TRP B 101 2.28 -17.13 2.29
C TRP B 101 1.05 -17.57 3.08
N THR B 102 0.44 -18.67 2.66
CA THR B 102 -0.72 -19.23 3.34
C THR B 102 -0.53 -20.73 3.50
N PHE B 103 -1.14 -21.27 4.56
CA PHE B 103 -1.02 -22.67 4.90
C PHE B 103 -2.39 -23.35 4.85
N GLY B 104 -2.37 -24.66 4.65
CA GLY B 104 -3.59 -25.43 4.66
C GLY B 104 -4.11 -25.67 6.07
N GLY B 105 -5.30 -26.27 6.13
CA GLY B 105 -5.91 -26.52 7.43
C GLY B 105 -5.15 -27.53 8.24
N GLY B 106 -4.62 -28.57 7.59
CA GLY B 106 -3.86 -29.59 8.32
C GLY B 106 -4.57 -30.92 8.21
N THR B 107 -3.85 -31.90 7.67
CA THR B 107 -4.31 -33.29 7.57
C THR B 107 -3.55 -34.09 8.61
N LYS B 108 -4.24 -34.53 9.66
CA LYS B 108 -3.61 -35.26 10.75
C LYS B 108 -3.62 -36.74 10.41
N LEU B 109 -2.45 -37.33 10.24
CA LEU B 109 -2.34 -38.73 9.85
C LEU B 109 -2.12 -39.59 11.09
N GLU B 110 -3.04 -40.50 11.34
CA GLU B 110 -2.94 -41.44 12.44
C GLU B 110 -2.43 -42.79 11.93
N ILE B 111 -2.21 -43.72 12.87
CA ILE B 111 -1.71 -45.04 12.57
C ILE B 111 -2.68 -46.08 13.12
N LYS B 112 -3.06 -47.03 12.27
CA LYS B 112 -3.92 -48.14 12.68
C LYS B 112 -3.06 -49.37 12.93
N ARG B 113 -3.47 -50.19 13.89
CA ARG B 113 -2.79 -51.45 14.16
C ARG B 113 -3.76 -52.38 14.87
N THR B 114 -3.23 -53.50 15.36
CA THR B 114 -4.03 -54.43 16.15
C THR B 114 -4.41 -53.82 17.49
N VAL B 115 -5.55 -54.26 18.02
CA VAL B 115 -6.01 -53.80 19.31
C VAL B 115 -5.07 -54.29 20.40
N ALA B 116 -4.77 -53.40 21.36
CA ALA B 116 -3.89 -53.72 22.47
C ALA B 116 -4.60 -53.48 23.80
N ALA B 117 -4.31 -54.32 24.78
CA ALA B 117 -4.98 -54.23 26.08
C ALA B 117 -4.40 -53.08 26.90
N PRO B 118 -5.24 -52.26 27.53
CA PRO B 118 -4.73 -51.24 28.43
C PRO B 118 -4.17 -51.83 29.71
N SER B 119 -3.29 -51.07 30.35
CA SER B 119 -2.84 -51.36 31.71
C SER B 119 -3.44 -50.30 32.63
N VAL B 120 -4.23 -50.74 33.60
CA VAL B 120 -4.97 -49.83 34.47
C VAL B 120 -4.24 -49.73 35.80
N PHE B 121 -3.87 -48.51 36.17
CA PHE B 121 -3.18 -48.22 37.42
C PHE B 121 -3.96 -47.21 38.24
N ILE B 122 -3.80 -47.27 39.56
CA ILE B 122 -4.50 -46.40 40.49
C ILE B 122 -3.49 -45.51 41.20
N PHE B 123 -3.93 -44.30 41.54
CA PHE B 123 -3.07 -43.36 42.25
C PHE B 123 -3.91 -42.52 43.20
N PRO B 124 -3.79 -42.73 44.51
CA PRO B 124 -4.61 -41.99 45.47
C PRO B 124 -4.06 -40.59 45.68
N PRO B 125 -4.90 -39.65 46.12
CA PRO B 125 -4.41 -38.31 46.45
C PRO B 125 -3.39 -38.36 47.59
N SER B 126 -2.38 -37.51 47.49
CA SER B 126 -1.28 -37.50 48.44
C SER B 126 -1.62 -36.66 49.67
N ASP B 127 -0.78 -36.82 50.70
CA ASP B 127 -0.97 -36.05 51.93
C ASP B 127 -0.71 -34.56 51.71
N GLU B 128 0.25 -34.21 50.85
CA GLU B 128 0.50 -32.80 50.57
C GLU B 128 -0.73 -32.14 49.94
N GLN B 129 -1.38 -32.82 49.00
CA GLN B 129 -2.59 -32.28 48.42
C GLN B 129 -3.72 -32.18 49.44
N LEU B 130 -3.86 -33.20 50.29
CA LEU B 130 -4.90 -33.18 51.32
C LEU B 130 -4.67 -32.04 52.30
N LYS B 131 -3.41 -31.70 52.58
CA LYS B 131 -3.11 -30.57 53.46
C LYS B 131 -3.65 -29.26 52.90
N SER B 132 -3.72 -29.14 51.58
CA SER B 132 -4.24 -27.94 50.94
C SER B 132 -5.76 -27.87 50.96
N GLY B 133 -6.44 -28.96 51.31
CA GLY B 133 -7.88 -28.97 51.37
C GLY B 133 -8.58 -29.61 50.20
N THR B 134 -7.84 -30.17 49.24
CA THR B 134 -8.41 -30.82 48.07
C THR B 134 -7.74 -32.16 47.85
N ALA B 135 -8.43 -33.04 47.13
CA ALA B 135 -7.93 -34.37 46.81
C ALA B 135 -8.18 -34.65 45.33
N SER B 136 -7.26 -35.42 44.73
CA SER B 136 -7.41 -35.86 43.35
C SER B 136 -6.95 -37.30 43.24
N VAL B 137 -7.84 -38.17 42.78
CA VAL B 137 -7.53 -39.58 42.56
C VAL B 137 -7.39 -39.80 41.06
N VAL B 138 -6.31 -40.45 40.64
CA VAL B 138 -5.94 -40.54 39.24
C VAL B 138 -5.93 -42.00 38.82
N CYS B 139 -6.64 -42.30 37.74
CA CYS B 139 -6.58 -43.61 37.10
C CYS B 139 -5.83 -43.50 35.77
N LEU B 140 -4.92 -44.44 35.55
CA LEU B 140 -3.97 -44.42 34.45
C LEU B 140 -4.26 -45.58 33.50
N LEU B 141 -4.39 -45.27 32.21
CA LEU B 141 -4.58 -46.27 31.17
C LEU B 141 -3.34 -46.23 30.27
N ASN B 142 -2.52 -47.28 30.33
CA ASN B 142 -1.22 -47.30 29.70
C ASN B 142 -1.24 -48.23 28.49
N ASN B 143 -0.82 -47.70 27.34
CA ASN B 143 -0.59 -48.47 26.11
C ASN B 143 -1.84 -49.21 25.66
N PHE B 144 -2.86 -48.44 25.29
CA PHE B 144 -4.10 -48.99 24.78
C PHE B 144 -4.39 -48.43 23.39
N TYR B 145 -5.01 -49.27 22.56
CA TYR B 145 -5.46 -48.86 21.24
C TYR B 145 -6.63 -49.78 20.92
N PRO B 146 -7.76 -49.26 20.41
CA PRO B 146 -8.01 -47.87 19.98
C PRO B 146 -8.18 -46.90 21.13
N ARG B 147 -8.19 -45.60 20.78
CA ARG B 147 -8.30 -44.55 21.79
C ARG B 147 -9.62 -44.62 22.54
N GLU B 148 -10.68 -45.07 21.87
CA GLU B 148 -12.00 -45.12 22.51
C GLU B 148 -11.99 -46.12 23.66
N ALA B 149 -12.12 -45.61 24.88
CA ALA B 149 -12.16 -46.44 26.07
C ALA B 149 -12.96 -45.71 27.13
N LYS B 150 -13.76 -46.45 27.89
CA LYS B 150 -14.68 -45.86 28.86
C LYS B 150 -14.16 -46.07 30.27
N VAL B 151 -14.20 -45.02 31.07
CA VAL B 151 -13.80 -45.06 32.47
C VAL B 151 -14.98 -44.64 33.34
N GLN B 152 -15.26 -45.44 34.36
CA GLN B 152 -16.35 -45.17 35.30
C GLN B 152 -15.80 -45.08 36.72
N TRP B 153 -16.25 -44.07 37.45
CA TRP B 153 -15.74 -43.78 38.78
C TRP B 153 -16.74 -44.25 39.83
N LYS B 154 -16.25 -44.98 40.83
CA LYS B 154 -17.08 -45.48 41.92
C LYS B 154 -16.48 -45.03 43.24
N VAL B 155 -17.31 -44.50 44.13
CA VAL B 155 -16.86 -44.06 45.44
C VAL B 155 -17.30 -45.04 46.51
N ASN B 163 -16.81 -33.77 38.05
CA ASN B 163 -15.70 -33.78 39.00
C ASN B 163 -14.48 -34.51 38.42
N SER B 164 -14.74 -35.41 37.47
CA SER B 164 -13.71 -36.24 36.86
C SER B 164 -13.44 -35.73 35.45
N GLN B 165 -12.17 -35.45 35.16
CA GLN B 165 -11.75 -34.99 33.85
C GLN B 165 -10.67 -35.92 33.32
N GLU B 166 -10.79 -36.28 32.04
CA GLU B 166 -9.89 -37.24 31.40
C GLU B 166 -9.11 -36.56 30.29
N SER B 167 -7.80 -36.83 30.24
CA SER B 167 -6.93 -36.31 29.21
C SER B 167 -6.14 -37.46 28.60
N VAL B 168 -6.08 -37.50 27.27
CA VAL B 168 -5.42 -38.58 26.55
C VAL B 168 -4.17 -38.04 25.87
N THR B 169 -3.08 -38.80 25.94
CA THR B 169 -1.86 -38.45 25.24
C THR B 169 -2.02 -38.70 23.74
N GLU B 170 -1.22 -37.98 22.96
CA GLU B 170 -1.15 -38.23 21.53
C GLU B 170 -0.47 -39.57 21.28
N GLN B 171 -0.90 -40.24 20.21
CA GLN B 171 -0.37 -41.55 19.89
C GLN B 171 1.12 -41.47 19.60
N ASP B 172 1.91 -42.31 20.27
CA ASP B 172 3.36 -42.27 20.13
C ASP B 172 3.79 -42.90 18.82
N SER B 173 4.84 -42.32 18.23
CA SER B 173 5.34 -42.83 16.95
C SER B 173 6.14 -44.11 17.11
N LYS B 174 6.70 -44.35 18.30
CA LYS B 174 7.58 -45.50 18.49
C LYS B 174 6.78 -46.81 18.51
N ASP B 175 5.64 -46.82 19.20
CA ASP B 175 4.90 -48.05 19.45
C ASP B 175 3.49 -47.99 18.90
N SER B 176 2.93 -46.78 18.73
CA SER B 176 1.55 -46.55 18.30
C SER B 176 0.56 -46.95 19.38
N THR B 177 0.68 -46.33 20.56
CA THR B 177 -0.20 -46.58 21.69
C THR B 177 -0.76 -45.25 22.20
N TYR B 178 -1.85 -45.35 22.95
CA TYR B 178 -2.43 -44.21 23.65
C TYR B 178 -2.34 -44.43 25.15
N SER B 179 -2.33 -43.32 25.88
CA SER B 179 -2.39 -43.34 27.33
C SER B 179 -3.39 -42.30 27.80
N LEU B 180 -4.17 -42.65 28.81
CA LEU B 180 -5.23 -41.78 29.29
C LEU B 180 -5.08 -41.59 30.79
N SER B 181 -5.43 -40.41 31.28
CA SER B 181 -5.39 -40.11 32.70
C SER B 181 -6.73 -39.51 33.09
N SER B 182 -7.42 -40.15 34.03
CA SER B 182 -8.70 -39.68 34.54
C SER B 182 -8.50 -39.22 35.97
N THR B 183 -8.64 -37.93 36.20
CA THR B 183 -8.44 -37.33 37.51
C THR B 183 -9.79 -36.89 38.07
N LEU B 184 -10.13 -37.42 39.24
CA LEU B 184 -11.36 -37.06 39.94
C LEU B 184 -10.99 -36.19 41.13
N THR B 185 -11.65 -35.05 41.25
CA THR B 185 -11.32 -34.03 42.23
C THR B 185 -12.42 -33.91 43.28
N LEU B 186 -12.01 -33.74 44.54
CA LEU B 186 -12.94 -33.60 45.65
C LEU B 186 -12.38 -32.60 46.66
N SER B 187 -13.28 -32.10 47.49
CA SER B 187 -12.87 -31.32 48.65
C SER B 187 -12.42 -32.26 49.76
N LYS B 188 -11.92 -31.68 50.86
CA LYS B 188 -11.44 -32.49 51.97
C LYS B 188 -12.57 -33.31 52.58
N ALA B 189 -13.72 -32.70 52.81
CA ALA B 189 -14.86 -33.42 53.37
C ALA B 189 -15.38 -34.48 52.42
N ASP B 190 -15.50 -34.12 51.13
CA ASP B 190 -16.02 -35.07 50.14
C ASP B 190 -15.11 -36.28 50.01
N TYR B 191 -13.80 -36.07 50.03
CA TYR B 191 -12.88 -37.20 50.00
C TYR B 191 -12.93 -38.00 51.29
N GLU B 192 -13.09 -37.32 52.43
CA GLU B 192 -13.09 -38.01 53.72
C GLU B 192 -14.34 -38.87 53.90
N LYS B 193 -15.47 -38.48 53.31
CA LYS B 193 -16.72 -39.20 53.53
C LYS B 193 -16.64 -40.64 53.03
N HIS B 194 -16.10 -40.84 51.83
CA HIS B 194 -16.06 -42.18 51.25
C HIS B 194 -14.80 -42.91 51.66
N LYS B 195 -14.89 -44.24 51.68
CA LYS B 195 -13.82 -45.10 52.19
C LYS B 195 -13.08 -45.85 51.10
N VAL B 196 -13.73 -46.17 49.98
CA VAL B 196 -13.11 -46.89 48.87
C VAL B 196 -13.30 -46.08 47.60
N TYR B 197 -12.27 -46.09 46.74
CA TYR B 197 -12.34 -45.43 45.45
C TYR B 197 -11.89 -46.40 44.37
N ALA B 198 -12.70 -46.53 43.32
CA ALA B 198 -12.42 -47.47 42.25
C ALA B 198 -12.72 -46.84 40.91
N CYS B 199 -12.05 -47.34 39.87
CA CYS B 199 -12.39 -47.00 38.50
C CYS B 199 -12.46 -48.27 37.67
N GLU B 200 -13.56 -48.41 36.93
CA GLU B 200 -13.79 -49.53 36.03
C GLU B 200 -13.52 -49.07 34.61
N VAL B 201 -12.64 -49.80 33.92
CA VAL B 201 -12.19 -49.44 32.57
C VAL B 201 -12.70 -50.49 31.61
N THR B 202 -13.49 -50.06 30.63
CA THR B 202 -13.98 -50.92 29.56
C THR B 202 -13.29 -50.52 28.27
N HIS B 203 -12.58 -51.47 27.67
CA HIS B 203 -11.87 -51.26 26.42
C HIS B 203 -12.04 -52.50 25.55
N GLN B 204 -11.83 -52.32 24.24
CA GLN B 204 -12.07 -53.40 23.30
C GLN B 204 -11.20 -54.62 23.60
N GLY B 205 -9.95 -54.38 24.00
CA GLY B 205 -9.05 -55.47 24.35
C GLY B 205 -9.41 -56.11 25.68
N VAL B 210 -11.91 -54.72 33.58
CA VAL B 210 -10.81 -54.50 34.51
C VAL B 210 -11.10 -53.29 35.38
N THR B 211 -11.09 -53.50 36.69
CA THR B 211 -11.37 -52.45 37.68
C THR B 211 -10.21 -52.34 38.64
N LYS B 212 -9.76 -51.11 38.90
CA LYS B 212 -8.70 -50.85 39.85
C LYS B 212 -9.26 -50.03 41.01
N SER B 213 -9.03 -50.52 42.23
CA SER B 213 -9.62 -49.93 43.42
C SER B 213 -8.59 -49.82 44.53
N PHE B 214 -8.81 -48.89 45.45
CA PHE B 214 -8.05 -48.80 46.68
C PHE B 214 -8.99 -48.40 47.81
N ASN B 215 -8.64 -48.82 49.02
CA ASN B 215 -9.46 -48.54 50.19
C ASN B 215 -8.94 -47.32 50.95
N GLN C 1 -30.69 -6.11 -22.61
CA GLN C 1 -29.76 -6.86 -21.78
C GLN C 1 -28.32 -6.51 -22.13
N VAL C 2 -27.48 -6.41 -21.10
CA VAL C 2 -26.08 -5.98 -21.26
C VAL C 2 -25.18 -7.07 -20.69
N GLN C 3 -24.11 -7.39 -21.40
CA GLN C 3 -23.12 -8.35 -20.94
C GLN C 3 -21.79 -7.65 -20.72
N LEU C 4 -21.19 -7.88 -19.57
CA LEU C 4 -19.93 -7.26 -19.18
C LEU C 4 -18.80 -8.27 -19.30
N VAL C 5 -17.74 -7.90 -20.00
CA VAL C 5 -16.55 -8.74 -20.12
C VAL C 5 -15.37 -7.99 -19.54
N GLU C 6 -14.63 -8.64 -18.64
CA GLU C 6 -13.44 -8.06 -18.04
C GLU C 6 -12.21 -8.79 -18.55
N SER C 7 -11.15 -8.04 -18.80
CA SER C 7 -9.92 -8.61 -19.31
C SER C 7 -8.74 -7.83 -18.76
N GLY C 8 -7.54 -8.39 -18.93
CA GLY C 8 -6.31 -7.76 -18.50
C GLY C 8 -5.71 -8.33 -17.25
N GLY C 9 -6.45 -9.14 -16.50
CA GLY C 9 -5.89 -9.75 -15.30
C GLY C 9 -4.83 -10.77 -15.62
N GLY C 10 -4.04 -11.10 -14.60
CA GLY C 10 -2.98 -12.07 -14.77
C GLY C 10 -2.06 -12.06 -13.57
N LEU C 11 -0.87 -12.64 -13.77
CA LEU C 11 0.14 -12.76 -12.73
C LEU C 11 1.22 -11.72 -12.95
N VAL C 12 1.45 -10.88 -11.95
CA VAL C 12 2.45 -9.83 -12.03
C VAL C 12 3.28 -9.82 -10.76
N GLN C 13 4.56 -9.47 -10.90
CA GLN C 13 5.42 -9.31 -9.75
C GLN C 13 4.95 -8.16 -8.87
N ALA C 14 5.41 -8.16 -7.62
CA ALA C 14 5.11 -7.05 -6.73
C ALA C 14 5.79 -5.79 -7.23
N GLY C 15 5.05 -4.68 -7.25
CA GLY C 15 5.54 -3.45 -7.79
C GLY C 15 5.30 -3.28 -9.28
N GLY C 16 4.80 -4.31 -9.96
CA GLY C 16 4.53 -4.23 -11.38
C GLY C 16 3.25 -3.48 -11.67
N SER C 17 2.86 -3.51 -12.95
CA SER C 17 1.71 -2.76 -13.41
C SER C 17 0.77 -3.68 -14.19
N LEU C 18 -0.49 -3.27 -14.25
CA LEU C 18 -1.51 -4.04 -14.93
C LEU C 18 -2.60 -3.11 -15.42
N ARG C 19 -3.32 -3.52 -16.46
CA ARG C 19 -4.40 -2.72 -17.01
C ARG C 19 -5.63 -3.60 -17.21
N LEU C 20 -6.64 -3.40 -16.38
CA LEU C 20 -7.91 -4.11 -16.48
C LEU C 20 -8.87 -3.30 -17.34
N SER C 21 -9.73 -3.99 -18.07
CA SER C 21 -10.73 -3.34 -18.91
C SER C 21 -12.06 -4.05 -18.78
N CYS C 22 -13.10 -3.29 -18.47
CA CYS C 22 -14.49 -3.74 -18.51
C CYS C 22 -15.13 -3.19 -19.77
N ALA C 23 -15.51 -4.08 -20.68
CA ALA C 23 -16.23 -3.72 -21.89
C ALA C 23 -17.68 -4.15 -21.75
N ALA C 24 -18.59 -3.22 -21.99
CA ALA C 24 -20.03 -3.47 -21.94
C ALA C 24 -20.53 -3.70 -23.36
N SER C 25 -21.33 -4.75 -23.54
CA SER C 25 -21.95 -5.05 -24.82
C SER C 25 -23.45 -5.04 -24.66
N GLY C 26 -24.13 -4.38 -25.59
CA GLY C 26 -25.55 -4.12 -25.50
C GLY C 26 -25.80 -2.66 -25.79
N PHE C 27 -27.03 -2.23 -25.62
CA PHE C 27 -27.40 -0.84 -25.88
C PHE C 27 -26.93 0.06 -24.74
N PRO C 28 -26.09 1.05 -24.99
CA PRO C 28 -25.64 1.93 -23.91
C PRO C 28 -26.78 2.79 -23.37
N VAL C 29 -26.56 3.32 -22.18
CA VAL C 29 -27.51 4.24 -21.56
C VAL C 29 -26.89 5.63 -21.54
N LYS C 30 -27.74 6.65 -21.51
CA LYS C 30 -27.26 8.03 -21.49
C LYS C 30 -26.43 8.31 -20.25
N ARG C 31 -26.90 7.86 -19.08
CA ARG C 31 -26.24 8.13 -17.81
C ARG C 31 -26.05 6.83 -17.06
N TRP C 32 -24.79 6.43 -16.90
CA TRP C 32 -24.46 5.21 -16.17
C TRP C 32 -23.25 5.46 -15.29
N SER C 33 -23.04 4.55 -14.34
CA SER C 33 -21.90 4.60 -13.44
C SER C 33 -21.29 3.22 -13.34
N MET C 34 -19.97 3.13 -13.50
CA MET C 34 -19.27 1.86 -13.42
C MET C 34 -18.32 1.87 -12.24
N THR C 35 -18.38 0.81 -11.44
CA THR C 35 -17.58 0.68 -10.24
C THR C 35 -16.78 -0.61 -10.31
N TRP C 36 -15.48 -0.51 -10.06
CA TRP C 36 -14.60 -1.67 -9.95
C TRP C 36 -14.55 -2.10 -8.50
N TYR C 37 -14.96 -3.34 -8.23
CA TYR C 37 -14.88 -4.01 -6.94
C TYR C 37 -13.81 -5.09 -7.01
N ARG C 38 -13.39 -5.55 -5.83
CA ARG C 38 -12.49 -6.68 -5.75
C ARG C 38 -12.89 -7.58 -4.60
N GLN C 39 -12.68 -8.88 -4.76
CA GLN C 39 -13.00 -9.85 -3.72
C GLN C 39 -11.86 -10.85 -3.62
N ALA C 40 -11.25 -10.94 -2.46
CA ALA C 40 -10.25 -11.96 -2.27
C ALA C 40 -10.88 -13.17 -1.56
N PRO C 41 -10.36 -14.37 -1.83
CA PRO C 41 -10.94 -15.58 -1.21
C PRO C 41 -11.12 -15.46 0.29
N GLY C 42 -12.34 -15.66 0.76
CA GLY C 42 -12.64 -15.57 2.17
C GLY C 42 -12.76 -14.17 2.72
N LYS C 43 -12.83 -13.15 1.87
CA LYS C 43 -12.89 -11.76 2.30
C LYS C 43 -14.10 -11.09 1.67
N GLU C 44 -14.57 -10.02 2.33
CA GLU C 44 -15.73 -9.30 1.85
C GLU C 44 -15.40 -8.55 0.56
N ARG C 45 -16.44 -8.32 -0.25
CA ARG C 45 -16.27 -7.56 -1.48
C ARG C 45 -16.18 -6.08 -1.17
N GLU C 46 -15.10 -5.44 -1.60
CA GLU C 46 -14.87 -4.03 -1.36
C GLU C 46 -14.76 -3.31 -2.68
N TRP C 47 -15.29 -2.09 -2.74
CA TRP C 47 -15.18 -1.29 -3.95
C TRP C 47 -13.77 -0.73 -4.07
N VAL C 48 -13.25 -0.72 -5.30
CA VAL C 48 -11.90 -0.27 -5.58
C VAL C 48 -11.90 1.10 -6.23
N ALA C 49 -12.72 1.30 -7.26
CA ALA C 49 -12.78 2.58 -7.93
C ALA C 49 -14.17 2.80 -8.49
N ALA C 50 -14.48 4.05 -8.82
CA ALA C 50 -15.81 4.37 -9.33
C ALA C 50 -15.72 5.55 -10.28
N ILE C 51 -16.39 5.43 -11.43
CA ILE C 51 -16.41 6.48 -12.44
C ILE C 51 -17.83 6.59 -12.97
N ARG C 52 -18.18 7.76 -13.50
CA ARG C 52 -19.49 7.98 -14.10
C ARG C 52 -19.36 8.07 -15.62
N SER C 53 -20.51 8.28 -16.27
CA SER C 53 -20.54 8.31 -17.73
C SER C 53 -20.02 9.65 -18.28
N ALA C 54 -20.33 10.76 -17.61
CA ALA C 54 -19.93 12.07 -18.05
C ALA C 54 -19.31 12.84 -16.89
N GLY C 55 -18.37 13.71 -17.21
CA GLY C 55 -17.71 14.53 -16.22
C GLY C 55 -16.31 14.03 -15.92
N HIS C 56 -15.68 14.70 -14.95
CA HIS C 56 -14.33 14.36 -14.51
C HIS C 56 -14.33 13.76 -13.11
N TRP C 57 -15.44 13.18 -12.68
CA TRP C 57 -15.53 12.61 -11.35
C TRP C 57 -15.01 11.19 -11.32
N THR C 58 -14.09 10.92 -10.40
CA THR C 58 -13.60 9.58 -10.12
C THR C 58 -13.38 9.46 -8.62
N HIS C 59 -13.75 8.32 -8.05
CA HIS C 59 -13.56 8.07 -6.63
C HIS C 59 -12.75 6.80 -6.44
N TYR C 60 -11.85 6.82 -5.47
CA TYR C 60 -10.97 5.69 -5.20
C TYR C 60 -11.02 5.32 -3.74
N ALA C 61 -10.86 4.03 -3.47
CA ALA C 61 -10.74 3.56 -2.09
C ALA C 61 -9.47 4.13 -1.47
N ASP C 62 -9.48 4.22 -0.14
CA ASP C 62 -8.33 4.77 0.57
C ASP C 62 -7.09 3.92 0.33
N SER C 63 -7.25 2.61 0.22
CA SER C 63 -6.11 1.72 0.08
C SER C 63 -5.44 1.86 -1.29
N VAL C 64 -6.24 2.10 -2.34
CA VAL C 64 -5.71 2.08 -3.70
C VAL C 64 -5.53 3.47 -4.29
N LYS C 65 -5.91 4.53 -3.57
CA LYS C 65 -5.78 5.87 -4.11
C LYS C 65 -4.34 6.20 -4.44
N GLY C 66 -4.11 6.72 -5.64
CA GLY C 66 -2.78 7.00 -6.13
C GLY C 66 -2.12 5.87 -6.88
N ARG C 67 -2.45 4.63 -6.56
CA ARG C 67 -1.92 3.47 -7.27
C ARG C 67 -2.85 2.99 -8.38
N PHE C 68 -4.15 3.02 -8.15
CA PHE C 68 -5.14 2.59 -9.13
C PHE C 68 -5.81 3.82 -9.72
N THR C 69 -6.04 3.77 -11.03
CA THR C 69 -6.58 4.90 -11.76
C THR C 69 -7.67 4.43 -12.71
N ILE C 70 -8.87 5.01 -12.60
CA ILE C 70 -10.01 4.60 -13.40
C ILE C 70 -10.27 5.65 -14.48
N SER C 71 -10.50 5.18 -15.70
CA SER C 71 -10.79 6.05 -16.83
C SER C 71 -11.85 5.40 -17.70
N ARG C 72 -12.47 6.20 -18.55
CA ARG C 72 -13.56 5.73 -19.39
C ARG C 72 -13.26 5.98 -20.87
N ASP C 73 -14.02 5.29 -21.72
CA ASP C 73 -13.98 5.45 -23.17
C ASP C 73 -15.42 5.30 -23.64
N ASN C 74 -16.12 6.43 -23.78
CA ASN C 74 -17.50 6.41 -24.22
C ASN C 74 -17.62 5.92 -25.66
N ALA C 75 -16.67 6.29 -26.52
CA ALA C 75 -16.71 5.86 -27.91
C ALA C 75 -16.66 4.35 -28.02
N LYS C 76 -15.78 3.71 -27.25
CA LYS C 76 -15.66 2.27 -27.25
C LYS C 76 -16.51 1.60 -26.17
N ASN C 77 -17.19 2.40 -25.33
CA ASN C 77 -18.03 1.87 -24.25
C ASN C 77 -17.24 0.93 -23.33
N THR C 78 -16.08 1.41 -22.88
CA THR C 78 -15.18 0.62 -22.07
C THR C 78 -14.72 1.45 -20.87
N VAL C 79 -14.31 0.78 -19.80
CA VAL C 79 -13.74 1.44 -18.64
C VAL C 79 -12.46 0.71 -18.25
N TYR C 80 -11.38 1.46 -18.07
CA TYR C 80 -10.07 0.91 -17.78
C TYR C 80 -9.68 1.24 -16.34
N LEU C 81 -9.04 0.28 -15.68
CA LEU C 81 -8.46 0.46 -14.36
C LEU C 81 -6.98 0.12 -14.46
N GLN C 82 -6.12 1.12 -14.26
CA GLN C 82 -4.69 0.94 -14.32
C GLN C 82 -4.18 0.73 -12.89
N MET C 83 -3.46 -0.36 -12.68
CA MET C 83 -2.90 -0.72 -11.38
C MET C 83 -1.40 -0.52 -11.44
N ASN C 84 -0.89 0.35 -10.57
CA ASN C 84 0.53 0.65 -10.51
C ASN C 84 1.06 0.31 -9.12
N SER C 85 2.32 -0.11 -9.08
CA SER C 85 2.98 -0.49 -7.83
C SER C 85 2.14 -1.51 -7.07
N LEU C 86 1.81 -2.61 -7.74
CA LEU C 86 1.00 -3.65 -7.13
C LEU C 86 1.76 -4.36 -6.01
N LYS C 87 1.04 -4.73 -4.97
CA LYS C 87 1.54 -5.47 -3.84
C LYS C 87 0.70 -6.72 -3.65
N PRO C 88 1.25 -7.77 -3.00
CA PRO C 88 0.49 -9.03 -2.88
C PRO C 88 -0.83 -8.88 -2.14
N GLU C 89 -1.02 -7.80 -1.38
CA GLU C 89 -2.30 -7.53 -0.75
C GLU C 89 -3.37 -7.15 -1.75
N ASP C 90 -3.02 -6.95 -3.01
CA ASP C 90 -3.98 -6.62 -4.06
C ASP C 90 -4.36 -7.84 -4.89
N THR C 91 -4.13 -9.04 -4.39
CA THR C 91 -4.53 -10.26 -5.09
C THR C 91 -5.99 -10.51 -4.81
N ALA C 92 -6.81 -10.55 -5.87
CA ALA C 92 -8.25 -10.72 -5.73
C ALA C 92 -8.84 -10.97 -7.10
N VAL C 93 -10.14 -11.23 -7.13
CA VAL C 93 -10.92 -11.26 -8.35
C VAL C 93 -11.61 -9.91 -8.50
N TYR C 94 -11.39 -9.25 -9.63
CA TYR C 94 -11.85 -7.88 -9.85
C TYR C 94 -13.09 -7.90 -10.72
N TYR C 95 -14.15 -7.25 -10.23
CA TYR C 95 -15.45 -7.19 -10.90
C TYR C 95 -15.72 -5.77 -11.34
N CYS C 96 -16.48 -5.62 -12.41
CA CYS C 96 -16.99 -4.32 -12.84
C CYS C 96 -18.51 -4.33 -12.76
N ASN C 97 -19.08 -3.26 -12.24
CA ASN C 97 -20.51 -3.14 -12.01
C ASN C 97 -21.03 -1.91 -12.73
N VAL C 98 -22.06 -2.08 -13.53
CA VAL C 98 -22.70 -1.00 -14.26
C VAL C 98 -24.06 -0.75 -13.65
N LYS C 99 -24.31 0.48 -13.24
CA LYS C 99 -25.62 0.91 -12.77
C LYS C 99 -26.16 1.99 -13.68
N ASP C 100 -27.44 1.90 -14.00
CA ASP C 100 -28.13 2.98 -14.68
C ASP C 100 -28.38 4.10 -13.68
N GLU C 101 -27.79 5.27 -13.92
CA GLU C 101 -27.92 6.36 -12.97
C GLU C 101 -29.15 7.22 -13.23
N GLY C 102 -29.92 6.92 -14.28
CA GLY C 102 -31.20 7.58 -14.47
C GLY C 102 -32.23 7.07 -13.50
N ASP C 103 -33.39 7.73 -13.53
CA ASP C 103 -34.49 7.33 -12.65
C ASP C 103 -35.13 6.03 -13.14
N PHE C 104 -35.70 5.29 -12.19
CA PHE C 104 -36.60 4.17 -12.47
C PHE C 104 -35.89 3.02 -13.17
N SER C 105 -34.60 2.84 -12.90
CA SER C 105 -33.79 1.83 -13.55
C SER C 105 -33.02 1.01 -12.52
N TYR C 106 -33.74 0.57 -11.48
CA TYR C 106 -33.12 -0.10 -10.35
C TYR C 106 -32.58 -1.47 -10.73
N TRP C 107 -33.20 -2.14 -11.70
CA TRP C 107 -32.77 -3.47 -12.11
C TRP C 107 -31.74 -3.46 -13.23
N TYR C 108 -31.42 -2.29 -13.77
CA TYR C 108 -30.26 -2.15 -14.65
C TYR C 108 -29.03 -2.05 -13.74
N ASP C 109 -28.57 -3.22 -13.31
CA ASP C 109 -27.43 -3.32 -12.39
C ASP C 109 -26.71 -4.61 -12.75
N TYR C 110 -25.69 -4.51 -13.59
CA TYR C 110 -25.05 -5.67 -14.19
C TYR C 110 -23.63 -5.83 -13.70
N TRP C 111 -23.23 -7.07 -13.45
CA TRP C 111 -21.92 -7.41 -12.95
C TRP C 111 -21.13 -8.18 -13.99
N GLY C 112 -19.81 -7.96 -13.99
CA GLY C 112 -18.95 -8.76 -14.83
C GLY C 112 -18.70 -10.14 -14.26
N GLN C 113 -18.17 -11.02 -15.10
CA GLN C 113 -17.90 -12.38 -14.66
C GLN C 113 -16.79 -12.41 -13.61
N GLY C 114 -15.75 -11.61 -13.80
CA GLY C 114 -14.62 -11.62 -12.89
C GLY C 114 -13.31 -11.87 -13.60
N THR C 115 -12.27 -11.15 -13.20
CA THR C 115 -10.93 -11.35 -13.72
C THR C 115 -9.97 -11.56 -12.56
N GLN C 116 -8.96 -12.39 -12.79
CA GLN C 116 -8.05 -12.81 -11.73
C GLN C 116 -6.77 -11.98 -11.81
N VAL C 117 -6.44 -11.30 -10.71
CA VAL C 117 -5.19 -10.57 -10.58
C VAL C 117 -4.41 -11.21 -9.44
N THR C 118 -3.19 -11.65 -9.72
CA THR C 118 -2.35 -12.30 -8.72
C THR C 118 -1.00 -11.62 -8.70
N VAL C 119 -0.63 -11.08 -7.54
CA VAL C 119 0.63 -10.39 -7.36
C VAL C 119 1.56 -11.36 -6.64
N SER C 120 2.61 -11.78 -7.33
CA SER C 120 3.52 -12.80 -6.82
C SER C 120 4.70 -12.13 -6.13
N SER C 121 4.75 -12.25 -4.80
CA SER C 121 5.84 -11.67 -4.01
C SER C 121 6.98 -12.67 -3.97
N LEU C 122 7.74 -12.73 -5.07
CA LEU C 122 8.86 -13.63 -5.22
C LEU C 122 10.14 -12.83 -5.35
N GLU C 123 11.27 -13.48 -5.08
CA GLU C 123 12.58 -12.86 -5.17
C GLU C 123 13.38 -13.49 -6.30
N HIS C 124 14.13 -12.66 -7.02
CA HIS C 124 14.86 -13.11 -8.21
C HIS C 124 16.31 -12.69 -8.10
N HIS C 125 17.18 -13.41 -8.81
CA HIS C 125 18.61 -13.17 -8.80
C HIS C 125 19.04 -12.60 -10.14
N HIS C 126 19.79 -11.50 -10.10
CA HIS C 126 20.26 -10.84 -11.31
C HIS C 126 21.49 -11.54 -11.88
N LEU D 8 44.57 14.78 -33.75
CA LEU D 8 43.50 14.83 -32.76
C LEU D 8 42.13 14.89 -33.44
N VAL D 9 41.12 14.39 -32.75
CA VAL D 9 39.73 14.48 -33.20
C VAL D 9 38.94 15.25 -32.15
N ILE D 10 38.28 16.32 -32.57
CA ILE D 10 37.59 17.23 -31.67
C ILE D 10 36.14 17.35 -32.09
N TRP D 11 35.23 17.20 -31.14
CA TRP D 11 33.81 17.43 -31.36
C TRP D 11 33.38 18.65 -30.53
N ILE D 12 32.77 19.62 -31.20
CA ILE D 12 32.15 20.76 -30.54
C ILE D 12 30.78 20.97 -31.18
N ASN D 13 29.96 21.79 -30.51
CA ASN D 13 28.64 22.09 -31.06
C ASN D 13 28.78 22.96 -32.30
N GLY D 14 27.74 22.93 -33.15
CA GLY D 14 27.77 23.66 -34.39
C GLY D 14 27.69 25.16 -34.24
N ASP D 15 27.13 25.65 -33.13
CA ASP D 15 26.94 27.07 -32.92
C ASP D 15 28.14 27.75 -32.26
N LYS D 16 29.23 27.02 -32.02
CA LYS D 16 30.44 27.60 -31.47
C LYS D 16 31.44 27.89 -32.59
N GLY D 17 32.57 28.48 -32.22
CA GLY D 17 33.57 28.88 -33.18
C GLY D 17 34.49 27.74 -33.61
N TYR D 18 33.98 26.84 -34.46
CA TYR D 18 34.78 25.71 -34.90
C TYR D 18 35.91 26.14 -35.84
N ASN D 19 35.72 27.21 -36.62
CA ASN D 19 36.79 27.67 -37.50
C ASN D 19 37.95 28.24 -36.70
N GLY D 20 37.67 29.05 -35.68
CA GLY D 20 38.74 29.56 -34.83
C GLY D 20 39.51 28.45 -34.15
N LEU D 21 38.78 27.45 -33.66
CA LEU D 21 39.43 26.25 -33.14
C LEU D 21 40.27 25.57 -34.21
N ALA D 22 39.82 25.62 -35.47
CA ALA D 22 40.59 25.03 -36.55
C ALA D 22 41.92 25.73 -36.75
N GLU D 23 41.92 27.07 -36.71
CA GLU D 23 43.20 27.78 -36.81
C GLU D 23 44.08 27.51 -35.59
N VAL D 24 43.47 27.43 -34.39
CA VAL D 24 44.26 27.16 -33.19
C VAL D 24 44.94 25.80 -33.30
N GLY D 25 44.20 24.78 -33.75
CA GLY D 25 44.80 23.49 -34.01
C GLY D 25 45.81 23.49 -35.14
N LYS D 26 45.61 24.36 -36.15
CA LYS D 26 46.57 24.49 -37.22
C LYS D 26 47.91 25.00 -36.71
N LYS D 27 47.88 25.98 -35.79
CA LYS D 27 49.12 26.45 -35.20
C LYS D 27 49.77 25.40 -34.31
N PHE D 28 49.01 24.46 -33.77
CA PHE D 28 49.56 23.39 -32.94
C PHE D 28 50.22 22.32 -33.80
N LYS D 35 48.31 16.29 -36.64
CA LYS D 35 47.34 17.31 -37.05
C LYS D 35 46.12 17.29 -36.13
N VAL D 36 45.45 18.43 -36.03
CA VAL D 36 44.27 18.60 -35.19
C VAL D 36 43.05 18.72 -36.11
N THR D 37 42.07 17.86 -35.90
CA THR D 37 40.85 17.84 -36.69
C THR D 37 39.67 18.24 -35.80
N VAL D 38 38.82 19.12 -36.32
CA VAL D 38 37.64 19.59 -35.60
C VAL D 38 36.40 19.23 -36.41
N GLU D 39 35.39 18.72 -35.71
CA GLU D 39 34.13 18.34 -36.34
C GLU D 39 32.98 18.77 -35.42
N HIS D 40 31.84 19.09 -36.02
CA HIS D 40 30.67 19.56 -35.28
C HIS D 40 29.46 18.71 -35.65
N PRO D 41 29.42 17.46 -35.21
CA PRO D 41 28.27 16.61 -35.52
C PRO D 41 27.02 17.06 -34.76
N ASP D 42 25.87 16.79 -35.37
CA ASP D 42 24.61 17.07 -34.71
C ASP D 42 24.37 16.10 -33.56
N LYS D 43 23.67 16.58 -32.53
CA LYS D 43 23.30 15.77 -31.37
C LYS D 43 24.52 15.15 -30.68
N LEU D 44 25.67 15.82 -30.76
CA LEU D 44 26.91 15.22 -30.28
C LEU D 44 26.88 14.98 -28.77
N GLU D 45 26.10 15.76 -28.03
CA GLU D 45 25.95 15.52 -26.61
C GLU D 45 25.33 14.15 -26.34
N GLU D 46 24.60 13.60 -27.30
CA GLU D 46 24.09 12.24 -27.21
C GLU D 46 24.92 11.25 -28.02
N LYS D 47 25.58 11.71 -29.09
CA LYS D 47 26.42 10.83 -29.89
C LYS D 47 27.63 10.36 -29.10
N PHE D 48 28.24 11.25 -28.32
CA PHE D 48 29.49 10.91 -27.65
C PHE D 48 29.39 9.70 -26.73
N PRO D 49 28.39 9.58 -25.84
CA PRO D 49 28.35 8.38 -24.99
C PRO D 49 28.18 7.09 -25.77
N GLN D 50 27.31 7.08 -26.79
CA GLN D 50 27.06 5.84 -27.51
C GLN D 50 28.19 5.50 -28.48
N VAL D 51 28.83 6.52 -29.07
CA VAL D 51 29.96 6.26 -29.96
C VAL D 51 31.15 5.74 -29.17
N ALA D 52 31.46 6.39 -28.05
CA ALA D 52 32.58 5.98 -27.21
C ALA D 52 32.10 5.22 -25.99
N PRO D 58 36.42 10.80 -30.49
CA PRO D 58 37.05 12.12 -30.40
C PRO D 58 38.04 12.19 -29.24
N ASP D 59 39.18 12.87 -29.47
CA ASP D 59 40.18 12.97 -28.42
C ASP D 59 39.72 13.88 -27.29
N ILE D 60 39.39 15.13 -27.62
CA ILE D 60 38.91 16.10 -26.65
C ILE D 60 37.58 16.65 -27.15
N ILE D 61 36.59 16.71 -26.25
CA ILE D 61 35.24 17.17 -26.57
C ILE D 61 34.98 18.47 -25.83
N PHE D 62 34.43 19.44 -26.54
CA PHE D 62 34.12 20.76 -25.98
C PHE D 62 32.61 20.82 -25.76
N TRP D 63 32.19 20.94 -24.50
CA TRP D 63 30.76 20.98 -24.22
C TRP D 63 30.54 21.58 -22.84
N ALA D 64 29.28 21.91 -22.55
CA ALA D 64 28.93 22.42 -21.24
C ALA D 64 29.18 21.36 -20.18
N HIS D 65 29.46 21.82 -18.96
CA HIS D 65 29.92 20.91 -17.91
C HIS D 65 28.85 19.94 -17.44
N ASP D 66 27.57 20.28 -17.63
CA ASP D 66 26.50 19.46 -17.06
C ASP D 66 26.50 18.05 -17.64
N ARG D 67 26.82 17.92 -18.93
CA ARG D 67 26.89 16.61 -19.55
C ARG D 67 28.15 15.84 -19.13
N PHE D 68 29.17 16.54 -18.64
CA PHE D 68 30.47 15.91 -18.47
C PHE D 68 30.50 14.99 -17.26
N GLY D 69 29.83 15.38 -16.17
CA GLY D 69 29.85 14.56 -14.96
C GLY D 69 29.33 13.16 -15.21
N GLY D 70 28.22 13.05 -15.93
CA GLY D 70 27.72 11.73 -16.30
C GLY D 70 28.74 10.94 -17.09
N TYR D 71 29.45 11.60 -18.00
CA TYR D 71 30.55 10.94 -18.71
C TYR D 71 31.57 10.40 -17.73
N ALA D 72 31.93 11.20 -16.72
CA ALA D 72 32.86 10.72 -15.70
C ALA D 72 32.31 9.51 -14.97
N GLN D 73 30.99 9.43 -14.81
CA GLN D 73 30.41 8.23 -14.21
C GLN D 73 30.64 7.01 -15.10
N SER D 74 30.52 7.19 -16.42
CA SER D 74 30.80 6.09 -17.34
C SER D 74 32.30 5.82 -17.46
N GLY D 75 33.14 6.67 -16.89
CA GLY D 75 34.57 6.55 -17.04
C GLY D 75 35.09 7.04 -18.36
N LEU D 76 34.23 7.61 -19.21
CA LEU D 76 34.64 8.07 -20.52
C LEU D 76 35.61 9.25 -20.47
N LEU D 77 35.66 9.94 -19.34
CA LEU D 77 36.59 11.05 -19.14
C LEU D 77 37.68 10.63 -18.18
N ALA D 78 38.94 10.76 -18.60
CA ALA D 78 40.08 10.31 -17.81
C ALA D 78 40.42 11.35 -16.76
N GLU D 79 40.58 10.91 -15.53
CA GLU D 79 40.93 11.82 -14.44
C GLU D 79 42.27 12.47 -14.72
N ILE D 80 42.26 13.79 -14.91
CA ILE D 80 43.42 14.57 -15.32
C ILE D 80 43.98 15.32 -14.12
N THR D 81 45.27 15.18 -13.88
CA THR D 81 45.92 15.86 -12.78
C THR D 81 46.22 17.31 -13.16
N PRO D 82 45.71 18.29 -12.42
CA PRO D 82 45.98 19.69 -12.76
C PRO D 82 47.29 20.17 -12.13
N ASP D 83 47.66 21.39 -12.50
CA ASP D 83 48.82 22.06 -11.94
C ASP D 83 48.36 23.24 -11.09
N LYS D 84 49.00 23.42 -9.93
CA LYS D 84 48.57 24.46 -9.01
C LYS D 84 48.68 25.85 -9.63
N ALA D 85 49.81 26.14 -10.29
CA ALA D 85 49.93 27.40 -10.99
C ALA D 85 48.92 27.49 -12.13
N PHE D 86 48.76 26.41 -12.89
CA PHE D 86 47.79 26.40 -13.98
C PHE D 86 46.35 26.48 -13.44
N GLN D 87 46.09 25.87 -12.29
CA GLN D 87 44.78 26.02 -11.66
C GLN D 87 44.54 27.46 -11.26
N ASP D 88 45.56 28.14 -10.74
CA ASP D 88 45.44 29.55 -10.40
C ASP D 88 45.37 30.44 -11.64
N LYS D 89 45.75 29.91 -12.82
CA LYS D 89 45.62 30.69 -14.05
C LYS D 89 44.16 30.89 -14.46
N LEU D 90 43.23 30.12 -13.90
CA LEU D 90 41.82 30.21 -14.25
C LEU D 90 40.99 30.56 -13.03
N TYR D 91 39.75 30.98 -13.29
CA TYR D 91 38.85 31.33 -12.21
C TYR D 91 38.52 30.11 -11.36
N PRO D 92 38.45 30.26 -10.03
CA PRO D 92 38.19 29.08 -9.18
C PRO D 92 36.82 28.46 -9.37
N PHE D 93 35.78 29.26 -9.65
CA PHE D 93 34.44 28.69 -9.79
C PHE D 93 34.32 27.85 -11.06
N THR D 94 35.06 28.22 -12.11
CA THR D 94 35.08 27.37 -13.30
C THR D 94 35.67 26.01 -12.99
N TRP D 95 36.74 25.97 -12.20
CA TRP D 95 37.28 24.68 -11.75
C TRP D 95 36.27 23.94 -10.89
N ASP D 96 35.55 24.67 -10.03
CA ASP D 96 34.52 24.06 -9.20
C ASP D 96 33.44 23.42 -10.06
N ALA D 97 33.16 23.99 -11.23
CA ALA D 97 32.15 23.42 -12.12
C ALA D 97 32.55 22.03 -12.60
N VAL D 98 33.83 21.84 -12.93
CA VAL D 98 34.30 20.58 -13.50
C VAL D 98 34.83 19.67 -12.41
N ARG D 99 34.51 19.98 -11.15
CA ARG D 99 34.88 19.14 -10.02
C ARG D 99 33.74 18.16 -9.75
N TYR D 100 33.99 16.87 -9.98
CA TYR D 100 33.02 15.82 -9.70
C TYR D 100 33.67 14.80 -8.77
N ASN D 101 33.09 14.65 -7.58
CA ASN D 101 33.60 13.71 -6.57
C ASN D 101 35.06 13.99 -6.24
N GLY D 102 35.43 15.27 -6.20
CA GLY D 102 36.76 15.67 -5.81
C GLY D 102 37.82 15.58 -6.88
N LYS D 103 37.47 15.22 -8.11
CA LYS D 103 38.44 15.10 -9.19
C LYS D 103 38.01 15.97 -10.36
N LEU D 104 39.01 16.54 -11.04
CA LEU D 104 38.78 17.40 -12.19
C LEU D 104 38.75 16.57 -13.46
N ILE D 105 37.63 16.62 -14.17
CA ILE D 105 37.45 15.85 -15.38
C ILE D 105 37.60 16.67 -16.66
N ALA D 106 37.72 17.99 -16.55
CA ALA D 106 37.75 18.83 -17.74
C ALA D 106 38.48 20.14 -17.47
N TYR D 107 38.97 20.74 -18.56
CA TYR D 107 39.48 22.11 -18.53
C TYR D 107 38.35 23.06 -18.88
N PRO D 108 37.92 23.92 -17.96
CA PRO D 108 36.97 24.98 -18.34
C PRO D 108 37.59 25.89 -19.39
N ILE D 109 36.75 26.35 -20.32
CA ILE D 109 37.21 27.22 -21.40
C ILE D 109 36.47 28.55 -21.34
N ALA D 110 35.14 28.48 -21.26
CA ALA D 110 34.33 29.70 -21.30
C ALA D 110 33.16 29.58 -20.35
N VAL D 111 32.67 30.73 -19.90
CA VAL D 111 31.46 30.83 -19.10
C VAL D 111 30.41 31.57 -19.92
N GLU D 112 29.30 30.90 -20.19
CA GLU D 112 28.26 31.41 -21.07
C GLU D 112 26.93 31.44 -20.32
N ALA D 113 26.18 32.52 -20.50
CA ALA D 113 24.87 32.65 -19.89
C ALA D 113 23.91 33.26 -20.90
N LEU D 114 22.64 32.91 -20.76
CA LEU D 114 21.63 33.49 -21.63
C LEU D 114 21.39 34.95 -21.26
N SER D 115 21.07 35.75 -22.28
CA SER D 115 20.84 37.17 -22.08
C SER D 115 19.85 37.65 -23.13
N LEU D 116 19.22 38.79 -22.85
CA LEU D 116 18.30 39.39 -23.80
C LEU D 116 19.06 40.21 -24.82
N ILE D 117 18.83 39.94 -26.09
CA ILE D 117 19.43 40.68 -27.19
C ILE D 117 18.28 41.33 -27.95
N TYR D 118 18.19 42.65 -27.88
CA TYR D 118 17.10 43.38 -28.50
C TYR D 118 17.64 44.29 -29.60
N ASN D 119 16.72 44.92 -30.31
CA ASN D 119 17.04 45.82 -31.41
C ASN D 119 16.83 47.26 -30.95
N LYS D 120 17.89 48.06 -31.02
CA LYS D 120 17.77 49.47 -30.67
C LYS D 120 16.83 50.19 -31.64
N ASP D 121 16.89 49.84 -32.91
CA ASP D 121 16.01 50.45 -33.91
C ASP D 121 14.55 50.13 -33.61
N LEU D 122 14.26 48.89 -33.23
CA LEU D 122 12.88 48.49 -32.97
C LEU D 122 12.37 49.07 -31.66
N LEU D 123 13.25 49.18 -30.66
CA LEU D 123 12.84 49.69 -29.35
C LEU D 123 14.04 50.23 -28.61
N PRO D 124 13.90 51.35 -27.90
CA PRO D 124 15.05 51.90 -27.16
C PRO D 124 15.35 51.19 -25.84
N ASN D 125 14.33 50.86 -25.05
CA ASN D 125 14.54 50.27 -23.73
C ASN D 125 13.99 48.86 -23.70
N PRO D 126 14.78 47.87 -23.23
CA PRO D 126 14.26 46.52 -23.13
C PRO D 126 13.19 46.43 -22.06
N PRO D 127 12.27 45.47 -22.17
CA PRO D 127 11.22 45.34 -21.14
C PRO D 127 11.81 44.83 -19.83
N LYS D 128 11.41 45.47 -18.73
CA LYS D 128 11.92 45.11 -17.42
C LYS D 128 11.26 43.88 -16.84
N THR D 129 10.18 43.39 -17.46
CA THR D 129 9.48 42.23 -16.94
C THR D 129 8.85 41.45 -18.09
N TRP D 130 8.48 40.21 -17.80
CA TRP D 130 7.87 39.35 -18.82
C TRP D 130 6.48 39.83 -19.18
N GLU D 131 5.74 40.43 -18.23
CA GLU D 131 4.38 40.86 -18.49
C GLU D 131 4.29 41.96 -19.54
N GLU D 132 5.34 42.79 -19.67
CA GLU D 132 5.32 43.84 -20.68
C GLU D 132 5.44 43.29 -22.10
N ILE D 133 5.93 42.06 -22.24
CA ILE D 133 6.18 41.51 -23.59
C ILE D 133 4.92 41.37 -24.41
N PRO D 134 3.79 40.85 -23.89
CA PRO D 134 2.59 40.74 -24.75
C PRO D 134 2.15 42.04 -25.40
N ALA D 135 2.16 43.15 -24.65
CA ALA D 135 1.70 44.42 -25.21
C ALA D 135 2.61 44.89 -26.33
N LEU D 136 3.93 44.85 -26.10
CA LEU D 136 4.87 45.29 -27.12
C LEU D 136 4.80 44.39 -28.35
N ASP D 137 4.64 43.08 -28.14
CA ASP D 137 4.60 42.17 -29.28
C ASP D 137 3.32 42.36 -30.09
N LYS D 138 2.18 42.57 -29.43
CA LYS D 138 0.94 42.81 -30.18
C LYS D 138 0.98 44.18 -30.85
N GLU D 139 1.71 45.14 -30.29
CA GLU D 139 1.90 46.42 -30.97
C GLU D 139 2.75 46.24 -32.22
N LEU D 140 3.79 45.42 -32.14
CA LEU D 140 4.66 45.22 -33.30
C LEU D 140 3.94 44.46 -34.42
N LYS D 141 2.93 43.68 -34.07
CA LYS D 141 2.18 42.92 -35.07
C LYS D 141 1.42 43.86 -36.01
N LEU D 148 9.22 39.48 -29.06
CA LEU D 148 10.08 38.41 -28.56
C LEU D 148 9.78 37.08 -29.23
N MET D 149 10.84 36.38 -29.64
CA MET D 149 10.70 35.02 -30.15
C MET D 149 12.07 34.36 -30.04
N PHE D 150 12.19 33.38 -29.16
CA PHE D 150 13.43 32.65 -28.92
C PHE D 150 13.22 31.17 -29.26
N ASN D 151 14.29 30.39 -29.09
CA ASN D 151 14.21 28.96 -29.34
C ASN D 151 13.46 28.28 -28.21
N LEU D 152 12.21 27.88 -28.47
CA LEU D 152 11.40 27.19 -27.48
C LEU D 152 11.59 25.68 -27.49
N GLN D 153 12.33 25.14 -28.47
CA GLN D 153 12.51 23.70 -28.54
C GLN D 153 13.42 23.21 -27.42
N GLU D 154 14.56 23.87 -27.22
CA GLU D 154 15.44 23.38 -26.17
C GLU D 154 15.02 23.94 -24.82
N PRO D 155 15.04 23.11 -23.78
CA PRO D 155 14.66 23.59 -22.44
C PRO D 155 15.68 24.54 -21.82
N TYR D 156 16.89 24.62 -22.39
CA TYR D 156 17.88 25.55 -21.88
C TYR D 156 17.39 26.99 -22.01
N PHE D 157 16.77 27.33 -23.14
CA PHE D 157 16.28 28.69 -23.35
C PHE D 157 15.00 28.97 -22.59
N THR D 158 14.16 27.96 -22.38
CA THR D 158 12.89 28.15 -21.70
C THR D 158 12.98 27.95 -20.18
N TRP D 159 14.13 27.54 -19.67
CA TRP D 159 14.30 27.32 -18.24
C TRP D 159 14.37 28.61 -17.41
N PRO D 160 14.96 29.71 -17.90
CA PRO D 160 14.99 30.92 -17.05
C PRO D 160 13.60 31.38 -16.61
N LEU D 161 12.62 31.31 -17.50
CA LEU D 161 11.26 31.69 -17.13
C LEU D 161 10.68 30.72 -16.09
N ILE D 162 10.96 29.43 -16.24
CA ILE D 162 10.47 28.43 -15.29
C ILE D 162 11.09 28.65 -13.91
N ALA D 163 12.40 28.87 -13.86
CA ALA D 163 13.14 28.99 -12.61
C ALA D 163 13.10 30.38 -12.00
N ALA D 164 12.52 31.36 -12.70
CA ALA D 164 12.44 32.70 -12.13
C ALA D 164 11.64 32.72 -10.83
N ASP D 165 10.69 31.80 -10.68
CA ASP D 165 9.82 31.77 -9.52
C ASP D 165 10.06 30.54 -8.64
N GLY D 166 11.30 30.03 -8.62
CA GLY D 166 11.69 29.01 -7.67
C GLY D 166 11.75 27.59 -8.19
N GLY D 167 11.44 27.36 -9.46
CA GLY D 167 11.61 26.03 -10.02
C GLY D 167 13.09 25.69 -10.12
N TYR D 168 13.46 24.49 -9.65
CA TYR D 168 14.85 24.09 -9.61
C TYR D 168 15.01 22.65 -10.10
N ALA D 169 16.17 22.39 -10.70
CA ALA D 169 16.47 21.03 -11.16
C ALA D 169 16.58 20.07 -9.99
N PHE D 170 17.39 20.41 -9.00
CA PHE D 170 17.62 19.56 -7.84
C PHE D 170 17.94 20.44 -6.65
N LYS D 171 17.35 20.11 -5.50
CA LYS D 171 17.53 20.93 -4.30
C LYS D 171 19.00 20.95 -3.89
N TYR D 172 19.58 22.16 -3.83
CA TYR D 172 20.98 22.35 -3.50
C TYR D 172 21.08 22.75 -2.03
N GLU D 173 21.48 21.81 -1.19
CA GLU D 173 21.61 22.03 0.24
C GLU D 173 23.01 21.66 0.69
N ASN D 174 23.63 22.55 1.47
CA ASN D 174 24.96 22.40 2.06
C ASN D 174 25.98 21.75 1.13
N GLY D 175 26.00 22.18 -0.13
CA GLY D 175 27.01 21.72 -1.08
C GLY D 175 26.69 20.42 -1.79
N LYS D 176 25.47 19.90 -1.66
CA LYS D 176 25.07 18.67 -2.31
C LYS D 176 23.73 18.86 -3.01
N TYR D 177 23.53 18.09 -4.08
CA TYR D 177 22.28 18.08 -4.82
C TYR D 177 21.47 16.87 -4.39
N ASP D 178 20.27 17.09 -3.88
CA ASP D 178 19.42 16.02 -3.37
C ASP D 178 18.57 15.48 -4.51
N ILE D 179 18.95 14.31 -5.05
CA ILE D 179 18.22 13.70 -6.15
C ILE D 179 16.80 13.34 -5.73
N LYS D 180 16.56 13.09 -4.44
CA LYS D 180 15.21 12.75 -3.98
C LYS D 180 14.25 13.91 -4.16
N ASP D 181 14.74 15.14 -4.19
CA ASP D 181 13.90 16.34 -4.29
C ASP D 181 14.09 16.94 -5.68
N VAL D 182 13.00 17.03 -6.44
CA VAL D 182 12.98 17.67 -7.75
C VAL D 182 11.90 18.75 -7.72
N GLY D 183 12.25 19.94 -8.17
CA GLY D 183 11.37 21.09 -8.03
C GLY D 183 10.60 21.49 -9.26
N VAL D 184 10.49 20.60 -10.25
CA VAL D 184 9.76 20.95 -11.47
C VAL D 184 8.25 20.90 -11.28
N ASP D 185 7.76 20.43 -10.13
CA ASP D 185 6.35 20.54 -9.78
C ASP D 185 6.04 21.80 -8.99
N ASN D 186 7.02 22.66 -8.76
CA ASN D 186 6.78 23.84 -7.93
C ASN D 186 5.71 24.73 -8.55
N ALA D 187 5.09 25.56 -7.70
CA ALA D 187 4.14 26.53 -8.19
C ALA D 187 4.81 27.53 -9.13
N GLY D 188 6.07 27.86 -8.87
CA GLY D 188 6.80 28.76 -9.76
C GLY D 188 7.06 28.15 -11.13
N ALA D 189 7.43 26.87 -11.16
CA ALA D 189 7.62 26.20 -12.45
C ALA D 189 6.33 26.15 -13.24
N LYS D 190 5.22 25.85 -12.56
CA LYS D 190 3.91 25.87 -13.22
C LYS D 190 3.59 27.27 -13.74
N ALA D 191 3.87 28.30 -12.93
CA ALA D 191 3.58 29.67 -13.35
C ALA D 191 4.39 30.06 -14.58
N GLY D 192 5.68 29.71 -14.60
CA GLY D 192 6.50 30.02 -15.76
C GLY D 192 6.03 29.29 -17.00
N LEU D 193 5.73 28.00 -16.87
CA LEU D 193 5.30 27.24 -18.04
C LEU D 193 3.94 27.71 -18.55
N THR D 194 3.03 28.06 -17.64
CA THR D 194 1.73 28.54 -18.08
C THR D 194 1.83 29.93 -18.69
N PHE D 195 2.74 30.77 -18.20
CA PHE D 195 3.00 32.05 -18.86
C PHE D 195 3.50 31.83 -20.28
N LEU D 196 4.45 30.90 -20.45
CA LEU D 196 4.98 30.64 -21.78
C LEU D 196 3.89 30.12 -22.72
N VAL D 197 3.07 29.18 -22.24
CA VAL D 197 2.03 28.64 -23.12
C VAL D 197 0.94 29.67 -23.37
N ASP D 198 0.69 30.58 -22.41
CA ASP D 198 -0.24 31.67 -22.67
C ASP D 198 0.28 32.57 -23.78
N LEU D 199 1.58 32.88 -23.76
CA LEU D 199 2.16 33.66 -24.85
C LEU D 199 2.11 32.90 -26.17
N ILE D 200 2.20 31.57 -26.12
CA ILE D 200 2.10 30.78 -27.34
C ILE D 200 0.67 30.81 -27.89
N LYS D 201 -0.32 30.67 -27.00
CA LYS D 201 -1.71 30.66 -27.44
C LYS D 201 -2.17 32.04 -27.89
N ASN D 202 -1.58 33.10 -27.35
CA ASN D 202 -1.87 34.45 -27.79
C ASN D 202 -1.14 34.83 -29.08
N LYS D 203 -0.59 33.84 -29.79
CA LYS D 203 0.07 34.02 -31.09
C LYS D 203 1.27 34.94 -30.99
N HIS D 204 1.91 35.02 -29.82
CA HIS D 204 3.06 35.90 -29.67
C HIS D 204 4.37 35.23 -30.04
N MET D 205 4.46 33.91 -29.91
CA MET D 205 5.58 33.14 -30.44
C MET D 205 5.04 31.89 -31.13
N ASN D 206 5.72 31.50 -32.22
CA ASN D 206 5.36 30.29 -32.93
C ASN D 206 5.68 29.09 -32.05
N ALA D 207 4.73 28.15 -31.97
CA ALA D 207 4.90 27.01 -31.08
C ALA D 207 6.10 26.15 -31.49
N ASP D 208 6.41 26.12 -32.78
CA ASP D 208 7.45 25.25 -33.30
C ASP D 208 8.70 26.01 -33.75
N THR D 209 8.92 27.21 -33.22
CA THR D 209 10.12 27.96 -33.56
C THR D 209 11.34 27.33 -32.90
N ASP D 210 12.47 27.37 -33.60
CA ASP D 210 13.70 26.80 -33.09
C ASP D 210 14.86 27.78 -33.18
N TYR D 211 16.08 27.29 -32.93
CA TYR D 211 17.25 28.16 -32.91
C TYR D 211 17.49 28.80 -34.28
N SER D 212 17.38 28.01 -35.35
CA SER D 212 17.61 28.55 -36.69
C SER D 212 16.58 29.62 -37.04
N ILE D 213 15.31 29.37 -36.72
CA ILE D 213 14.27 30.35 -36.99
C ILE D 213 14.51 31.62 -36.19
N ALA D 214 14.89 31.47 -34.92
CA ALA D 214 15.14 32.65 -34.09
C ALA D 214 16.29 33.48 -34.64
N GLU D 215 17.40 32.83 -35.02
CA GLU D 215 18.52 33.56 -35.59
C GLU D 215 18.13 34.24 -36.89
N ALA D 216 17.45 33.52 -37.79
CA ALA D 216 17.07 34.11 -39.07
C ALA D 216 16.16 35.30 -38.88
N ALA D 217 15.17 35.18 -37.99
CA ALA D 217 14.24 36.28 -37.79
C ALA D 217 14.91 37.49 -37.14
N PHE D 218 15.76 37.26 -36.14
CA PHE D 218 16.40 38.39 -35.48
C PHE D 218 17.44 39.07 -36.37
N ASN D 219 18.07 38.30 -37.27
CA ASN D 219 19.00 38.91 -38.21
C ASN D 219 18.30 39.87 -39.15
N LYS D 220 17.10 39.53 -39.61
CA LYS D 220 16.34 40.39 -40.50
C LYS D 220 15.61 41.51 -39.76
N GLY D 221 15.67 41.54 -38.44
CA GLY D 221 15.01 42.59 -37.69
C GLY D 221 13.53 42.41 -37.48
N GLU D 222 12.95 41.29 -37.93
CA GLU D 222 11.53 41.07 -37.74
C GLU D 222 11.17 40.99 -36.27
N THR D 223 12.02 40.36 -35.47
CA THR D 223 11.81 40.22 -34.03
C THR D 223 12.63 41.27 -33.30
N ALA D 224 11.97 42.05 -32.45
CA ALA D 224 12.66 43.10 -31.71
C ALA D 224 13.69 42.53 -30.76
N MET D 225 13.36 41.45 -30.06
CA MET D 225 14.23 40.91 -29.01
C MET D 225 14.17 39.39 -29.04
N THR D 226 15.24 38.77 -28.55
CA THR D 226 15.32 37.33 -28.42
C THR D 226 16.32 36.97 -27.32
N ILE D 227 16.15 35.78 -26.76
CA ILE D 227 17.02 35.31 -25.68
C ILE D 227 18.08 34.41 -26.29
N ASN D 228 19.35 34.74 -26.04
CA ASN D 228 20.44 33.94 -26.60
C ASN D 228 21.72 34.21 -25.82
N GLY D 229 22.72 33.37 -26.06
CA GLY D 229 23.98 33.47 -25.39
C GLY D 229 25.00 34.25 -26.19
N PRO D 230 26.25 34.26 -25.70
CA PRO D 230 27.30 35.03 -26.41
C PRO D 230 27.56 34.56 -27.82
N TRP D 231 27.44 33.26 -28.08
CA TRP D 231 27.87 32.70 -29.36
C TRP D 231 27.13 33.33 -30.53
N ALA D 232 25.85 33.64 -30.36
CA ALA D 232 25.07 34.21 -31.46
C ALA D 232 25.51 35.61 -31.83
N TRP D 233 26.26 36.30 -30.96
CA TRP D 233 26.55 37.72 -31.17
C TRP D 233 27.23 37.95 -32.51
N SER D 234 28.27 37.17 -32.83
CA SER D 234 28.93 37.31 -34.12
C SER D 234 27.94 37.20 -35.27
N ASN D 235 27.03 36.22 -35.20
CA ASN D 235 25.98 36.11 -36.21
C ASN D 235 25.19 37.41 -36.31
N ILE D 236 24.76 37.95 -35.16
CA ILE D 236 24.06 39.23 -35.18
C ILE D 236 24.97 40.32 -35.74
N ASP D 237 26.26 40.24 -35.43
CA ASP D 237 27.20 41.21 -35.99
C ASP D 237 27.24 41.13 -37.51
N THR D 238 27.03 39.94 -38.07
CA THR D 238 26.94 39.83 -39.53
C THR D 238 25.68 40.52 -40.06
N SER D 239 24.58 40.48 -39.28
CA SER D 239 23.36 41.14 -39.68
C SER D 239 23.45 42.66 -39.57
N LYS D 240 24.51 43.18 -38.94
CA LYS D 240 24.84 44.60 -38.83
C LYS D 240 23.71 45.45 -38.29
N VAL D 241 22.68 44.85 -37.69
CA VAL D 241 21.64 45.60 -37.01
C VAL D 241 22.07 45.86 -35.57
N ASN D 242 21.92 47.09 -35.12
CA ASN D 242 22.35 47.46 -33.77
C ASN D 242 21.54 46.67 -32.74
N TYR D 243 22.25 46.03 -31.81
CA TYR D 243 21.63 45.16 -30.83
C TYR D 243 22.12 45.50 -29.43
N GLY D 244 21.23 45.40 -28.46
CA GLY D 244 21.60 45.60 -27.07
C GLY D 244 21.46 44.32 -26.27
N VAL D 245 22.49 43.99 -25.48
CA VAL D 245 22.53 42.78 -24.67
C VAL D 245 22.36 43.18 -23.22
N THR D 246 21.40 42.57 -22.53
CA THR D 246 21.04 43.01 -21.18
C THR D 246 20.36 41.87 -20.43
N VAL D 247 19.81 42.24 -19.26
CA VAL D 247 19.22 41.28 -18.33
C VAL D 247 17.99 40.64 -18.96
N LEU D 248 17.79 39.36 -18.65
CA LEU D 248 16.53 38.72 -18.99
C LEU D 248 15.40 39.33 -18.16
N PRO D 249 14.23 39.51 -18.75
CA PRO D 249 13.13 40.16 -18.02
C PRO D 249 12.73 39.36 -16.78
N THR D 250 12.35 40.09 -15.74
CA THR D 250 11.90 39.48 -14.50
C THR D 250 10.50 38.91 -14.66
N PHE D 251 10.25 37.77 -14.01
CA PHE D 251 8.95 37.12 -14.04
C PHE D 251 8.30 37.27 -12.67
N LYS D 252 7.16 37.96 -12.63
CA LYS D 252 6.40 38.21 -11.41
C LYS D 252 7.30 38.78 -10.30
N GLY D 253 8.08 39.80 -10.65
CA GLY D 253 8.89 40.48 -9.67
C GLY D 253 10.11 39.75 -9.20
N GLN D 254 10.48 38.64 -9.86
CA GLN D 254 11.68 37.90 -9.52
C GLN D 254 12.54 37.73 -10.75
N PRO D 255 13.86 37.79 -10.61
CA PRO D 255 14.73 37.69 -11.79
C PRO D 255 14.72 36.30 -12.39
N SER D 256 14.91 36.24 -13.71
CA SER D 256 15.08 34.96 -14.38
C SER D 256 16.38 34.31 -13.95
N LYS D 257 16.34 32.99 -13.78
CA LYS D 257 17.53 32.27 -13.35
C LYS D 257 17.99 31.31 -14.43
N PRO D 258 18.71 31.78 -15.44
CA PRO D 258 19.22 30.87 -16.47
C PRO D 258 20.33 29.99 -15.90
N PHE D 259 20.37 28.73 -16.34
CA PHE D 259 21.51 27.90 -16.02
C PHE D 259 22.77 28.48 -16.64
N VAL D 260 23.85 28.48 -15.87
CA VAL D 260 25.13 29.01 -16.33
C VAL D 260 25.94 27.86 -16.90
N GLY D 261 26.40 28.02 -18.13
CA GLY D 261 27.19 27.00 -18.80
C GLY D 261 28.67 27.27 -18.65
N VAL D 262 29.43 26.22 -18.43
CA VAL D 262 30.89 26.27 -18.44
C VAL D 262 31.33 25.39 -19.60
N LEU D 263 31.50 25.98 -20.77
CA LEU D 263 32.08 25.27 -21.90
C LEU D 263 33.47 24.80 -21.53
N SER D 264 33.65 23.48 -21.47
CA SER D 264 34.83 22.85 -20.93
C SER D 264 35.34 21.80 -21.91
N ALA D 265 36.61 21.44 -21.70
CA ALA D 265 37.37 20.52 -22.54
C ALA D 265 37.57 19.21 -21.80
N GLY D 266 37.00 18.13 -22.32
CA GLY D 266 37.13 16.82 -21.71
C GLY D 266 37.97 15.88 -22.55
N ILE D 267 38.79 15.08 -21.88
CA ILE D 267 39.68 14.12 -22.53
C ILE D 267 38.98 12.77 -22.63
N ASN D 268 39.10 12.14 -23.79
CA ASN D 268 38.56 10.80 -23.96
C ASN D 268 39.36 9.79 -23.16
N ALA D 269 38.65 8.83 -22.56
CA ALA D 269 39.33 7.77 -21.83
C ALA D 269 40.18 6.90 -22.75
N ALA D 270 39.67 6.61 -23.94
CA ALA D 270 40.34 5.73 -24.89
C ALA D 270 41.20 6.48 -25.90
N SER D 271 41.48 7.76 -25.66
CA SER D 271 42.29 8.53 -26.59
C SER D 271 43.73 8.04 -26.57
N PRO D 272 44.29 7.63 -27.71
CA PRO D 272 45.69 7.18 -27.73
C PRO D 272 46.70 8.29 -27.54
N ASN D 273 46.29 9.55 -27.70
CA ASN D 273 47.16 10.71 -27.56
C ASN D 273 46.72 11.58 -26.39
N LYS D 274 46.43 10.94 -25.25
CA LYS D 274 45.93 11.67 -24.10
C LYS D 274 46.91 12.75 -23.65
N GLU D 275 48.19 12.40 -23.52
CA GLU D 275 49.17 13.39 -23.05
C GLU D 275 49.33 14.51 -24.07
N LEU D 276 49.38 14.19 -25.36
CA LEU D 276 49.52 15.22 -26.38
C LEU D 276 48.33 16.16 -26.38
N ALA D 277 47.11 15.62 -26.27
CA ALA D 277 45.92 16.46 -26.22
C ALA D 277 45.89 17.33 -24.97
N LYS D 278 46.28 16.76 -23.83
CA LYS D 278 46.34 17.54 -22.60
C LYS D 278 47.33 18.69 -22.71
N GLU D 279 48.51 18.42 -23.29
CA GLU D 279 49.49 19.47 -23.50
C GLU D 279 48.98 20.53 -24.46
N PHE D 280 48.27 20.10 -25.52
CA PHE D 280 47.70 21.07 -26.45
C PHE D 280 46.68 21.98 -25.76
N LEU D 281 45.81 21.39 -24.92
CA LEU D 281 44.83 22.18 -24.22
C LEU D 281 45.48 23.15 -23.24
N GLU D 282 46.54 22.73 -22.56
CA GLU D 282 47.18 23.61 -21.59
C GLU D 282 47.98 24.72 -22.26
N ASN D 283 48.70 24.40 -23.34
CA ASN D 283 49.75 25.28 -23.82
C ASN D 283 49.44 26.02 -25.14
N TYR D 284 48.48 25.56 -25.93
CA TYR D 284 48.00 26.38 -27.06
C TYR D 284 46.61 26.93 -26.87
N LEU D 285 45.63 26.11 -26.49
CA LEU D 285 44.25 26.60 -26.44
C LEU D 285 44.04 27.57 -25.29
N LEU D 286 44.31 27.13 -24.06
CA LEU D 286 44.03 27.95 -22.89
C LEU D 286 45.12 28.97 -22.66
N THR D 287 45.46 29.74 -23.69
CA THR D 287 46.39 30.85 -23.61
C THR D 287 45.72 32.09 -24.16
N ASP D 288 46.36 33.25 -23.95
CA ASP D 288 45.78 34.50 -24.40
C ASP D 288 45.59 34.52 -25.91
N GLU D 289 46.61 34.09 -26.65
CA GLU D 289 46.52 34.13 -28.11
C GLU D 289 45.48 33.15 -28.64
N GLY D 290 45.47 31.93 -28.12
CA GLY D 290 44.50 30.94 -28.59
C GLY D 290 43.07 31.34 -28.29
N LEU D 291 42.80 31.78 -27.06
CA LEU D 291 41.46 32.18 -26.70
C LEU D 291 41.05 33.46 -27.43
N GLU D 292 41.99 34.35 -27.71
CA GLU D 292 41.68 35.52 -28.53
C GLU D 292 41.31 35.12 -29.95
N ALA D 293 42.02 34.15 -30.52
CA ALA D 293 41.70 33.69 -31.86
C ALA D 293 40.41 32.89 -31.91
N VAL D 294 40.02 32.27 -30.80
CA VAL D 294 38.75 31.54 -30.75
C VAL D 294 37.58 32.50 -30.57
N ASN D 295 37.69 33.48 -29.67
CA ASN D 295 36.60 34.41 -29.44
C ASN D 295 36.30 35.26 -30.67
N LYS D 296 37.30 35.48 -31.53
CA LYS D 296 37.06 36.23 -32.76
C LYS D 296 36.09 35.49 -33.67
N ASP D 297 36.23 34.16 -33.76
CA ASP D 297 35.32 33.37 -34.58
C ASP D 297 33.89 33.47 -34.07
N LYS D 298 33.69 33.19 -32.78
CA LYS D 298 32.39 33.24 -32.15
C LYS D 298 32.65 33.64 -30.71
N PRO D 299 31.86 34.56 -30.15
CA PRO D 299 32.14 35.04 -28.79
C PRO D 299 32.02 33.94 -27.76
N LEU D 300 33.14 33.61 -27.12
CA LEU D 300 33.13 32.59 -26.08
C LEU D 300 32.38 33.04 -24.84
N GLY D 301 32.26 34.34 -24.62
CA GLY D 301 31.61 34.84 -23.42
C GLY D 301 32.61 35.17 -22.34
N ALA D 302 32.26 34.88 -21.09
CA ALA D 302 33.19 35.05 -19.98
C ALA D 302 34.28 34.01 -20.08
N VAL D 303 35.50 34.45 -20.37
CA VAL D 303 36.60 33.54 -20.65
C VAL D 303 37.18 33.02 -19.34
N ALA D 304 37.64 31.77 -19.36
CA ALA D 304 38.17 31.14 -18.16
C ALA D 304 39.48 31.79 -17.72
N LEU D 305 40.33 32.18 -18.68
CA LEU D 305 41.61 32.79 -18.33
C LEU D 305 41.40 34.12 -17.63
N LYS D 306 42.18 34.35 -16.57
CA LYS D 306 42.09 35.61 -15.86
C LYS D 306 42.49 36.78 -16.74
N SER D 307 43.60 36.65 -17.47
CA SER D 307 44.12 37.78 -18.25
C SER D 307 43.14 38.19 -19.34
N TYR D 308 42.71 37.23 -20.16
CA TYR D 308 41.81 37.58 -21.26
C TYR D 308 40.45 38.04 -20.76
N GLU D 309 39.95 37.45 -19.67
CA GLU D 309 38.68 37.90 -19.12
C GLU D 309 38.77 39.32 -18.60
N GLU D 310 39.89 39.67 -17.95
CA GLU D 310 40.09 41.05 -17.53
C GLU D 310 40.16 41.98 -18.74
N GLU D 311 40.86 41.56 -19.79
CA GLU D 311 40.92 42.35 -21.01
C GLU D 311 39.58 42.45 -21.73
N LEU D 312 38.65 41.53 -21.43
CA LEU D 312 37.39 41.45 -22.16
C LEU D 312 36.18 41.91 -21.36
N ALA D 313 36.28 41.99 -20.04
CA ALA D 313 35.13 42.39 -19.22
C ALA D 313 34.68 43.82 -19.53
N LYS D 314 35.54 44.63 -20.15
CA LYS D 314 35.18 46.00 -20.49
C LYS D 314 34.05 46.08 -21.51
N ASP D 315 33.85 45.03 -22.31
CA ASP D 315 32.76 45.03 -23.29
C ASP D 315 31.43 44.92 -22.56
N PRO D 316 30.44 45.76 -22.90
CA PRO D 316 29.17 45.72 -22.16
C PRO D 316 28.44 44.38 -22.27
N ARG D 317 28.56 43.69 -23.40
CA ARG D 317 27.87 42.40 -23.56
C ARG D 317 28.44 41.35 -22.61
N ILE D 318 29.76 41.33 -22.43
CA ILE D 318 30.36 40.42 -21.45
C ILE D 318 29.89 40.75 -20.05
N ALA D 319 29.77 42.04 -19.74
CA ALA D 319 29.24 42.43 -18.43
C ALA D 319 27.81 41.95 -18.25
N ALA D 320 26.98 42.09 -19.29
CA ALA D 320 25.61 41.60 -19.21
C ALA D 320 25.57 40.09 -19.01
N THR D 321 26.43 39.35 -19.73
CA THR D 321 26.49 37.91 -19.55
C THR D 321 26.88 37.55 -18.12
N MET D 322 27.89 38.24 -17.58
CA MET D 322 28.35 37.93 -16.23
C MET D 322 27.28 38.24 -15.19
N GLU D 323 26.59 39.37 -15.33
CA GLU D 323 25.56 39.70 -14.35
C GLU D 323 24.36 38.77 -14.47
N ASN D 324 24.03 38.34 -15.69
CA ASN D 324 22.98 37.32 -15.85
C ASN D 324 23.38 36.01 -15.21
N ALA D 325 24.67 35.64 -15.33
CA ALA D 325 25.16 34.45 -14.64
C ALA D 325 25.04 34.60 -13.14
N GLN D 326 25.34 35.79 -12.61
CA GLN D 326 25.16 36.03 -11.18
C GLN D 326 23.70 35.88 -10.77
N LYS D 327 22.78 36.37 -11.60
CA LYS D 327 21.36 36.19 -11.31
C LYS D 327 20.93 34.75 -11.48
N GLY D 328 21.61 33.99 -12.33
CA GLY D 328 21.28 32.60 -12.57
C GLY D 328 22.06 31.64 -11.68
N GLU D 329 21.81 30.35 -11.91
CA GLU D 329 22.45 29.26 -11.16
C GLU D 329 23.17 28.33 -12.11
N ILE D 330 24.39 27.95 -11.75
CA ILE D 330 25.18 27.05 -12.59
C ILE D 330 24.57 25.65 -12.56
N MET D 331 24.66 24.93 -13.69
CA MET D 331 24.07 23.60 -13.76
C MET D 331 24.79 22.64 -12.82
N PRO D 332 24.07 21.70 -12.20
CA PRO D 332 24.74 20.62 -11.49
C PRO D 332 25.57 19.76 -12.45
N ASN D 333 26.66 19.22 -11.93
CA ASN D 333 27.51 18.32 -12.69
C ASN D 333 27.11 16.86 -12.50
N ILE D 334 26.05 16.60 -11.74
CA ILE D 334 25.64 15.25 -11.39
C ILE D 334 25.18 14.49 -12.63
N PRO D 335 25.28 13.16 -12.65
CA PRO D 335 24.87 12.41 -13.85
C PRO D 335 23.36 12.33 -14.05
N GLN D 336 22.56 12.81 -13.10
CA GLN D 336 21.12 12.85 -13.27
C GLN D 336 20.65 14.07 -14.04
N MET D 337 21.56 14.75 -14.74
CA MET D 337 21.20 15.96 -15.48
C MET D 337 20.77 15.68 -16.90
N SER D 338 21.27 14.60 -17.53
CA SER D 338 20.78 14.23 -18.85
C SER D 338 19.33 13.80 -18.80
N ALA D 339 18.95 12.99 -17.80
CA ALA D 339 17.56 12.60 -17.64
C ALA D 339 16.68 13.80 -17.33
N PHE D 340 17.17 14.71 -16.48
CA PHE D 340 16.42 15.93 -16.19
C PHE D 340 16.22 16.77 -17.44
N TRP D 341 17.26 16.91 -18.26
CA TRP D 341 17.13 17.69 -19.48
C TRP D 341 16.15 17.05 -20.44
N TYR D 342 16.21 15.72 -20.59
CA TYR D 342 15.26 15.04 -21.47
C TYR D 342 13.83 15.23 -20.98
N ALA D 343 13.60 15.08 -19.67
CA ALA D 343 12.26 15.20 -19.13
C ALA D 343 11.72 16.62 -19.29
N VAL D 344 12.56 17.62 -19.01
CA VAL D 344 12.10 19.01 -19.12
C VAL D 344 11.89 19.39 -20.57
N ARG D 345 12.74 18.90 -21.49
CA ARG D 345 12.51 19.14 -22.90
C ARG D 345 11.20 18.53 -23.35
N THR D 346 10.91 17.30 -22.93
CA THR D 346 9.63 16.68 -23.28
C THR D 346 8.46 17.49 -22.75
N ALA D 347 8.54 17.92 -21.48
CA ALA D 347 7.46 18.69 -20.90
C ALA D 347 7.25 20.02 -21.62
N VAL D 348 8.34 20.71 -21.95
CA VAL D 348 8.22 22.01 -22.62
C VAL D 348 7.67 21.84 -24.03
N ILE D 349 8.14 20.83 -24.77
CA ILE D 349 7.61 20.60 -26.11
C ILE D 349 6.13 20.26 -26.05
N ASN D 350 5.74 19.41 -25.10
CA ASN D 350 4.33 19.04 -24.97
C ASN D 350 3.48 20.26 -24.64
N ALA D 351 3.91 21.08 -23.68
CA ALA D 351 3.13 22.25 -23.31
C ALA D 351 3.07 23.27 -24.44
N ALA D 352 4.17 23.46 -25.17
CA ALA D 352 4.21 24.46 -26.23
C ALA D 352 3.35 24.04 -27.41
N SER D 353 3.45 22.78 -27.83
CA SER D 353 2.67 22.30 -28.97
C SER D 353 1.20 22.12 -28.65
N GLY D 354 0.81 22.21 -27.38
CA GLY D 354 -0.57 22.03 -26.98
C GLY D 354 -1.01 20.59 -26.88
N ARG D 355 -0.12 19.63 -27.07
CA ARG D 355 -0.49 18.23 -26.97
C ARG D 355 -0.93 17.87 -25.54
N GLN D 356 -0.34 18.53 -24.55
CA GLN D 356 -0.62 18.25 -23.15
C GLN D 356 -0.67 19.56 -22.38
N THR D 357 -1.34 19.54 -21.24
CA THR D 357 -1.40 20.72 -20.39
C THR D 357 -0.08 20.92 -19.67
N VAL D 358 0.05 22.08 -19.01
CA VAL D 358 1.27 22.40 -18.28
C VAL D 358 1.46 21.44 -17.10
N ASP D 359 0.42 21.27 -16.28
CA ASP D 359 0.54 20.45 -15.10
C ASP D 359 0.80 18.99 -15.46
N GLN D 360 0.10 18.48 -16.47
CA GLN D 360 0.33 17.11 -16.92
C GLN D 360 1.75 16.94 -17.46
N ALA D 361 2.24 17.93 -18.21
CA ALA D 361 3.60 17.85 -18.73
C ALA D 361 4.63 17.84 -17.59
N LEU D 362 4.41 18.65 -16.57
CA LEU D 362 5.36 18.68 -15.45
C LEU D 362 5.30 17.38 -14.65
N ALA D 363 4.12 16.79 -14.50
CA ALA D 363 4.01 15.49 -13.85
C ALA D 363 4.74 14.42 -14.66
N PHE D 364 4.61 14.48 -15.99
CA PHE D 364 5.37 13.58 -16.84
C PHE D 364 6.87 13.77 -16.67
N ALA D 365 7.30 15.03 -16.54
CA ALA D 365 8.72 15.29 -16.32
C ALA D 365 9.19 14.66 -15.02
N GLN D 366 8.41 14.81 -13.94
CA GLN D 366 8.77 14.19 -12.69
C GLN D 366 8.85 12.67 -12.81
N ILE D 367 7.88 12.06 -13.51
CA ILE D 367 7.89 10.61 -13.68
C ILE D 367 9.13 10.18 -14.47
N LEU D 368 9.46 10.92 -15.52
CA LEU D 368 10.59 10.55 -16.37
C LEU D 368 11.93 10.76 -15.69
N ILE D 369 12.00 11.68 -14.72
CA ILE D 369 13.25 11.91 -14.01
C ILE D 369 13.58 10.73 -13.10
N MET D 370 12.57 10.16 -12.43
CA MET D 370 12.73 9.12 -11.42
C MET D 370 13.56 7.96 -11.95
N PRO D 371 14.77 7.74 -11.43
CA PRO D 371 15.70 6.80 -12.06
C PRO D 371 15.44 5.34 -11.75
N ASN D 372 14.99 5.03 -10.52
CA ASN D 372 14.89 3.65 -10.09
C ASN D 372 13.65 2.95 -10.61
N LEU D 373 12.71 3.67 -11.24
CA LEU D 373 11.52 3.04 -11.77
C LEU D 373 11.87 2.16 -12.97
N THR D 374 11.21 1.01 -13.05
CA THR D 374 11.32 0.16 -14.22
C THR D 374 10.61 0.83 -15.40
N GLU D 375 10.97 0.41 -16.62
CA GLU D 375 10.36 1.01 -17.81
C GLU D 375 8.85 0.78 -17.83
N GLU D 376 8.41 -0.43 -17.48
CA GLU D 376 6.97 -0.72 -17.49
C GLU D 376 6.26 0.01 -16.35
N GLN D 377 6.92 0.13 -15.19
CA GLN D 377 6.35 0.91 -14.10
C GLN D 377 6.21 2.38 -14.49
N ARG D 378 7.23 2.92 -15.14
CA ARG D 378 7.17 4.31 -15.58
C ARG D 378 6.07 4.52 -16.61
N ASN D 379 5.94 3.57 -17.55
CA ASN D 379 4.85 3.65 -18.54
C ASN D 379 3.50 3.58 -17.87
N GLY D 380 3.35 2.72 -16.86
CA GLY D 380 2.09 2.63 -16.15
C GLY D 380 1.74 3.91 -15.42
N PHE D 381 2.74 4.51 -14.76
CA PHE D 381 2.48 5.76 -14.04
C PHE D 381 2.16 6.90 -15.01
N ILE D 382 2.82 6.91 -16.17
CA ILE D 382 2.52 7.93 -17.18
C ILE D 382 1.10 7.75 -17.71
N GLN D 383 0.69 6.50 -17.94
CA GLN D 383 -0.68 6.26 -18.38
C GLN D 383 -1.69 6.68 -17.33
N SER D 384 -1.39 6.38 -16.05
CA SER D 384 -2.27 6.80 -14.97
C SER D 384 -2.38 8.32 -14.90
N LEU D 385 -1.29 9.02 -15.18
CA LEU D 385 -1.36 10.47 -15.26
C LEU D 385 -2.17 10.93 -16.46
N LYS D 386 -2.03 10.24 -17.60
CA LYS D 386 -2.79 10.60 -18.79
C LYS D 386 -4.28 10.52 -18.55
N ASP D 387 -4.75 9.40 -18.02
CA ASP D 387 -6.18 9.12 -18.02
C ASP D 387 -6.90 9.59 -16.77
N ASP D 388 -6.20 10.20 -15.81
CA ASP D 388 -6.86 10.89 -14.71
C ASP D 388 -5.93 11.92 -14.09
N PRO D 389 -6.08 13.20 -14.43
CA PRO D 389 -5.23 14.24 -13.85
C PRO D 389 -5.76 14.85 -12.56
N SER D 390 -6.89 14.36 -12.04
CA SER D 390 -7.43 14.90 -10.79
C SER D 390 -6.64 14.42 -9.58
N VAL D 391 -5.98 13.27 -9.69
CA VAL D 391 -5.22 12.68 -8.59
C VAL D 391 -3.75 12.64 -8.95
N SER D 392 -3.29 13.62 -9.73
CA SER D 392 -1.90 13.63 -10.17
C SER D 392 -0.95 13.72 -8.98
N LYS D 393 -1.32 14.46 -7.94
CA LYS D 393 -0.49 14.54 -6.74
C LYS D 393 -0.32 13.19 -6.09
N GLU D 394 -1.41 12.42 -5.96
CA GLU D 394 -1.34 11.11 -5.34
C GLU D 394 -0.54 10.14 -6.21
N ILE D 395 -0.70 10.21 -7.53
CA ILE D 395 0.07 9.35 -8.42
C ILE D 395 1.55 9.66 -8.29
N LEU D 396 1.91 10.95 -8.23
CA LEU D 396 3.31 11.32 -8.07
C LEU D 396 3.85 10.86 -6.72
N ALA D 397 3.06 10.98 -5.66
CA ALA D 397 3.50 10.50 -4.34
C ALA D 397 3.75 9.00 -4.35
N GLU D 398 2.83 8.24 -4.95
CA GLU D 398 3.01 6.78 -5.01
C GLU D 398 4.21 6.41 -5.87
N ALA D 399 4.41 7.11 -6.98
CA ALA D 399 5.56 6.83 -7.83
C ALA D 399 6.86 7.15 -7.11
N LYS D 400 6.88 8.24 -6.33
CA LYS D 400 8.07 8.55 -5.55
C LYS D 400 8.33 7.52 -4.47
N LYS D 401 7.27 7.03 -3.84
CA LYS D 401 7.42 5.98 -2.83
C LYS D 401 8.01 4.71 -3.46
N LEU D 402 7.48 4.32 -4.62
CA LEU D 402 8.02 3.15 -5.32
C LEU D 402 9.46 3.38 -5.75
N ASN D 403 9.77 4.58 -6.24
CA ASN D 403 11.12 4.90 -6.67
C ASN D 403 12.11 4.82 -5.51
N GLU D 404 11.73 5.34 -4.34
CA GLU D 404 12.61 5.26 -3.18
C GLU D 404 12.73 3.83 -2.69
N HIS D 405 11.67 3.04 -2.80
CA HIS D 405 11.74 1.63 -2.40
C HIS D 405 12.76 0.89 -3.25
N GLN D 406 12.77 1.13 -4.55
CA GLN D 406 13.66 0.43 -5.48
C GLN D 406 15.05 1.06 -5.55
N ALA D 407 15.37 1.98 -4.65
CA ALA D 407 16.69 2.60 -4.66
C ALA D 407 17.76 1.56 -4.33
N PRO D 408 18.86 1.50 -5.09
CA PRO D 408 19.93 0.53 -4.86
C PRO D 408 20.87 0.96 -3.75
N THR D 482 10.24 -7.48 41.56
CA THR D 482 9.81 -8.85 41.81
C THR D 482 10.52 -9.45 43.01
N TYR D 483 9.89 -10.45 43.63
CA TYR D 483 10.40 -11.11 44.82
C TYR D 483 10.50 -12.61 44.57
N LYS D 484 11.40 -13.26 45.30
CA LYS D 484 11.79 -14.64 45.02
C LYS D 484 11.51 -15.53 46.22
N LEU D 485 11.28 -16.81 45.94
CA LEU D 485 10.98 -17.83 46.92
C LEU D 485 11.84 -19.06 46.65
N VAL D 486 12.46 -19.58 47.70
CA VAL D 486 13.23 -20.82 47.64
C VAL D 486 12.63 -21.78 48.66
N ILE D 487 12.09 -22.90 48.17
CA ILE D 487 11.44 -23.90 49.00
C ILE D 487 12.34 -25.13 49.03
N ASN D 488 12.58 -25.65 50.24
CA ASN D 488 13.38 -26.87 50.42
C ASN D 488 12.63 -27.79 51.38
N GLY D 489 11.77 -28.65 50.83
CA GLY D 489 11.04 -29.62 51.60
C GLY D 489 11.70 -30.99 51.59
N LYS D 490 11.05 -31.93 52.28
CA LYS D 490 11.54 -33.31 52.31
C LYS D 490 11.36 -34.00 50.97
N THR D 491 10.29 -33.68 50.26
CA THR D 491 9.99 -34.32 48.98
C THR D 491 10.20 -33.40 47.78
N LEU D 492 9.90 -32.11 47.91
CA LEU D 492 9.99 -31.17 46.81
C LEU D 492 10.92 -30.02 47.19
N LYS D 493 11.69 -29.56 46.21
CA LYS D 493 12.52 -28.37 46.34
C LYS D 493 12.41 -27.56 45.06
N GLY D 494 12.46 -26.25 45.18
CA GLY D 494 12.29 -25.42 43.99
C GLY D 494 12.39 -23.95 44.29
N GLU D 495 12.11 -23.15 43.26
CA GLU D 495 12.16 -21.70 43.35
C GLU D 495 10.98 -21.12 42.57
N THR D 496 10.51 -19.95 42.99
CA THR D 496 9.35 -19.33 42.38
C THR D 496 9.41 -17.82 42.56
N THR D 497 9.17 -17.08 41.48
CA THR D 497 9.21 -15.62 41.50
C THR D 497 7.82 -15.04 41.33
N THR D 498 7.53 -13.96 42.06
CA THR D 498 6.24 -13.28 41.95
C THR D 498 6.48 -11.78 41.83
N LYS D 499 5.43 -11.08 41.42
CA LYS D 499 5.45 -9.62 41.30
C LYS D 499 4.73 -9.04 42.51
N ALA D 500 5.50 -8.61 43.50
CA ALA D 500 4.96 -8.10 44.75
C ALA D 500 5.59 -6.76 45.07
N VAL D 501 4.77 -5.82 45.56
CA VAL D 501 5.29 -4.50 45.94
C VAL D 501 5.63 -4.47 47.43
N ASP D 502 4.96 -5.28 48.23
CA ASP D 502 5.18 -5.32 49.67
C ASP D 502 5.69 -6.70 50.08
N ALA D 503 6.69 -6.72 50.95
CA ALA D 503 7.28 -7.99 51.37
C ALA D 503 6.34 -8.77 52.29
N GLU D 504 5.52 -8.09 53.08
CA GLU D 504 4.58 -8.79 53.94
C GLU D 504 3.59 -9.61 53.13
N THR D 505 2.92 -8.98 52.16
CA THR D 505 2.04 -9.70 51.27
C THR D 505 2.79 -10.71 50.40
N ALA D 506 4.05 -10.41 50.05
CA ALA D 506 4.85 -11.36 49.28
C ALA D 506 5.03 -12.67 50.05
N GLU D 507 5.41 -12.57 51.32
CA GLU D 507 5.59 -13.80 52.09
C GLU D 507 4.25 -14.43 52.46
N LYS D 508 3.19 -13.64 52.56
CA LYS D 508 1.86 -14.24 52.72
C LYS D 508 1.50 -15.10 51.51
N ALA D 509 1.74 -14.57 50.30
CA ALA D 509 1.47 -15.32 49.08
C ALA D 509 2.35 -16.55 48.99
N PHE D 510 3.63 -16.43 49.36
CA PHE D 510 4.53 -17.58 49.36
C PHE D 510 4.09 -18.63 50.38
N LYS D 511 3.63 -18.22 51.55
CA LYS D 511 3.18 -19.16 52.56
C LYS D 511 1.92 -19.89 52.07
N GLN D 512 0.99 -19.17 51.46
CA GLN D 512 -0.19 -19.82 50.88
C GLN D 512 0.21 -20.77 49.76
N TYR D 513 1.18 -20.38 48.93
CA TYR D 513 1.64 -21.25 47.85
C TYR D 513 2.30 -22.51 48.38
N ALA D 514 3.10 -22.37 49.45
CA ALA D 514 3.74 -23.52 50.07
C ALA D 514 2.71 -24.46 50.67
N ASN D 515 1.67 -23.91 51.30
CA ASN D 515 0.58 -24.77 51.78
C ASN D 515 -0.09 -25.48 50.60
N ASP D 516 -0.32 -24.76 49.50
CA ASP D 516 -0.87 -25.40 48.32
C ASP D 516 0.09 -26.44 47.73
N ASN D 517 1.39 -26.27 47.98
CA ASN D 517 2.40 -27.25 47.59
C ASN D 517 2.68 -28.27 48.67
N GLY D 518 1.98 -28.22 49.79
CA GLY D 518 2.20 -29.16 50.87
C GLY D 518 3.54 -29.00 51.57
N VAL D 519 3.96 -27.76 51.83
CA VAL D 519 5.25 -27.47 52.44
C VAL D 519 5.01 -26.88 53.83
N ASP D 520 5.75 -27.38 54.81
CA ASP D 520 5.67 -26.89 56.19
C ASP D 520 7.08 -26.84 56.75
N GLY D 521 7.58 -25.64 57.00
CA GLY D 521 8.93 -25.50 57.54
C GLY D 521 9.18 -24.10 58.05
N VAL D 522 10.38 -23.91 58.58
CA VAL D 522 10.80 -22.62 59.12
C VAL D 522 11.05 -21.66 57.98
N TRP D 523 10.88 -20.36 58.28
CA TRP D 523 10.88 -19.28 57.30
C TRP D 523 12.05 -18.34 57.58
N THR D 524 12.70 -17.87 56.52
CA THR D 524 13.74 -16.86 56.60
C THR D 524 13.54 -15.86 55.47
N TYR D 525 13.96 -14.62 55.71
CA TYR D 525 13.84 -13.55 54.72
C TYR D 525 15.17 -12.83 54.61
N ASP D 526 15.68 -12.71 53.38
CA ASP D 526 16.81 -11.83 53.07
C ASP D 526 16.27 -10.70 52.21
N ASP D 527 16.14 -9.51 52.80
CA ASP D 527 15.60 -8.37 52.08
C ASP D 527 16.57 -7.87 51.01
N ALA D 528 17.88 -7.94 51.28
CA ALA D 528 18.86 -7.47 50.32
C ALA D 528 18.79 -8.28 49.03
N THR D 529 18.66 -9.59 49.13
CA THR D 529 18.49 -10.45 47.96
C THR D 529 17.03 -10.62 47.57
N LYS D 530 16.10 -10.11 48.39
CA LYS D 530 14.66 -10.18 48.11
C LYS D 530 14.20 -11.64 48.01
N THR D 531 14.70 -12.49 48.91
CA THR D 531 14.42 -13.92 48.87
C THR D 531 13.77 -14.37 50.17
N PHE D 532 12.63 -15.03 50.04
CA PHE D 532 12.03 -15.77 51.15
C PHE D 532 12.39 -17.24 51.00
N THR D 533 13.03 -17.81 52.01
CA THR D 533 13.43 -19.21 51.98
C THR D 533 12.70 -19.97 53.07
N VAL D 534 12.00 -21.04 52.67
CA VAL D 534 11.34 -21.93 53.61
C VAL D 534 12.04 -23.28 53.53
N THR D 535 12.28 -23.90 54.68
CA THR D 535 12.99 -25.18 54.71
C THR D 535 12.47 -26.03 55.86
N GLU D 536 12.55 -27.35 55.66
CA GLU D 536 12.07 -28.29 56.66
C GLU D 536 13.23 -28.94 57.42
N ASN E 2 -30.29 -1.41 -3.48
CA ASN E 2 -30.97 -0.57 -4.46
C ASN E 2 -32.42 -0.32 -4.06
N ILE E 3 -32.87 -1.04 -3.02
CA ILE E 3 -34.25 -0.94 -2.61
C ILE E 3 -34.58 0.41 -1.97
N PHE E 4 -33.56 1.14 -1.51
CA PHE E 4 -33.83 2.44 -0.90
C PHE E 4 -34.36 3.44 -1.92
N ARG E 5 -33.75 3.49 -3.10
CA ARG E 5 -34.23 4.38 -4.15
C ARG E 5 -35.60 3.95 -4.66
N LEU E 6 -35.84 2.64 -4.80
CA LEU E 6 -37.17 2.14 -5.14
C LEU E 6 -38.20 2.59 -4.12
N THR E 7 -37.90 2.42 -2.84
CA THR E 7 -38.88 2.78 -1.81
C THR E 7 -39.12 4.28 -1.78
N GLY E 8 -38.07 5.07 -1.96
CA GLY E 8 -38.25 6.52 -2.01
C GLY E 8 -39.08 6.97 -3.19
N ASP E 9 -38.83 6.40 -4.37
CA ASP E 9 -39.62 6.75 -5.54
C ASP E 9 -41.07 6.32 -5.38
N LEU E 10 -41.30 5.15 -4.79
CA LEU E 10 -42.68 4.73 -4.55
C LEU E 10 -43.37 5.63 -3.53
N SER E 11 -42.61 6.10 -2.52
CA SER E 11 -43.19 7.04 -1.56
C SER E 11 -43.52 8.37 -2.21
N HIS E 12 -42.66 8.84 -3.11
CA HIS E 12 -42.94 10.09 -3.82
C HIS E 12 -44.19 9.95 -4.71
N LEU E 13 -44.29 8.82 -5.42
CA LEU E 13 -45.48 8.57 -6.22
C LEU E 13 -46.72 8.47 -5.36
N ALA E 14 -46.59 7.85 -4.17
CA ALA E 14 -47.70 7.78 -3.24
C ALA E 14 -48.13 9.18 -2.80
N ALA E 15 -47.17 10.05 -2.51
CA ALA E 15 -47.50 11.41 -2.11
C ALA E 15 -48.23 12.15 -3.23
N ILE E 16 -47.74 12.01 -4.46
CA ILE E 16 -48.38 12.68 -5.59
C ILE E 16 -49.80 12.16 -5.79
N ILE E 17 -49.97 10.84 -5.71
CA ILE E 17 -51.29 10.24 -5.89
C ILE E 17 -52.23 10.68 -4.77
N ILE E 18 -51.73 10.74 -3.53
CA ILE E 18 -52.56 11.17 -2.41
C ILE E 18 -53.02 12.60 -2.61
N LEU E 19 -52.11 13.49 -3.03
CA LEU E 19 -52.52 14.87 -3.28
C LEU E 19 -53.56 14.95 -4.40
N LEU E 20 -53.34 14.21 -5.49
CA LEU E 20 -54.28 14.22 -6.59
C LEU E 20 -55.65 13.73 -6.15
N LEU E 21 -55.69 12.63 -5.40
CA LEU E 21 -56.96 12.07 -4.95
C LEU E 21 -57.66 13.01 -3.97
N LYS E 22 -56.90 13.67 -3.08
CA LYS E 22 -57.52 14.61 -2.17
C LYS E 22 -58.12 15.79 -2.91
N ILE E 23 -57.43 16.30 -3.93
CA ILE E 23 -58.00 17.38 -4.73
C ILE E 23 -59.26 16.91 -5.43
N TRP E 24 -59.23 15.70 -6.00
CA TRP E 24 -60.40 15.19 -6.71
C TRP E 24 -61.60 15.01 -5.78
N LYS E 25 -61.37 14.41 -4.60
CA LYS E 25 -62.47 14.09 -3.70
C LYS E 25 -63.02 15.34 -3.03
N SER E 26 -62.14 16.21 -2.53
CA SER E 26 -62.59 17.40 -1.83
C SER E 26 -63.22 18.43 -2.76
N ARG E 27 -63.12 18.24 -4.07
CA ARG E 27 -63.68 19.15 -5.07
C ARG E 27 -63.14 20.57 -4.89
N SER E 28 -61.92 20.67 -4.37
CA SER E 28 -61.27 21.97 -4.17
C SER E 28 -59.77 21.73 -4.06
N CYS E 29 -59.00 22.77 -4.38
CA CYS E 29 -57.54 22.73 -4.26
C CYS E 29 -57.01 23.87 -3.39
N ALA E 30 -57.85 24.43 -2.53
CA ALA E 30 -57.43 25.52 -1.66
C ALA E 30 -56.32 25.05 -0.72
N GLY E 31 -55.39 25.94 -0.44
CA GLY E 31 -54.26 25.62 0.42
C GLY E 31 -53.07 25.03 -0.30
N ILE E 32 -53.17 24.77 -1.60
CA ILE E 32 -52.07 24.25 -2.40
C ILE E 32 -51.57 25.37 -3.30
N SER E 33 -50.25 25.53 -3.36
CA SER E 33 -49.65 26.45 -4.31
C SER E 33 -49.66 25.82 -5.69
N GLY E 34 -50.46 26.39 -6.60
CA GLY E 34 -50.45 25.90 -7.96
C GLY E 34 -49.12 26.09 -8.66
N LYS E 35 -48.35 27.08 -8.21
CA LYS E 35 -47.04 27.32 -8.81
C LYS E 35 -46.05 26.23 -8.41
N SER E 36 -46.14 25.72 -7.19
CA SER E 36 -45.29 24.61 -6.77
C SER E 36 -45.59 23.37 -7.61
N GLN E 37 -46.86 23.08 -7.85
CA GLN E 37 -47.22 21.94 -8.68
C GLN E 37 -46.81 22.16 -10.13
N LEU E 38 -46.88 23.41 -10.62
CA LEU E 38 -46.38 23.70 -11.95
C LEU E 38 -44.89 23.43 -12.05
N LEU E 39 -44.13 23.83 -11.03
CA LEU E 39 -42.70 23.57 -11.03
C LEU E 39 -42.40 22.09 -10.95
N PHE E 40 -43.19 21.34 -10.17
CA PHE E 40 -43.02 19.89 -10.12
C PHE E 40 -43.31 19.25 -11.48
N ALA E 41 -44.36 19.71 -12.14
CA ALA E 41 -44.68 19.22 -13.48
C ALA E 41 -43.56 19.52 -14.45
N LEU E 42 -42.98 20.72 -14.37
CA LEU E 42 -41.90 21.08 -15.27
C LEU E 42 -40.65 20.27 -14.95
N VAL E 43 -40.43 19.94 -13.67
CA VAL E 43 -39.32 19.07 -13.28
C VAL E 43 -39.48 17.71 -13.93
N PHE E 44 -40.67 17.13 -13.82
CA PHE E 44 -40.89 15.80 -14.41
C PHE E 44 -40.81 15.85 -15.93
N THR E 45 -41.29 16.93 -16.54
CA THR E 45 -41.21 17.09 -17.99
C THR E 45 -39.76 17.16 -18.44
N THR E 46 -38.94 17.97 -17.76
CA THR E 46 -37.56 18.17 -18.18
C THR E 46 -36.72 16.93 -17.92
N ARG E 47 -36.95 16.26 -16.79
CA ARG E 47 -36.15 15.07 -16.47
C ARG E 47 -36.50 13.90 -17.38
N TYR E 48 -37.76 13.78 -17.76
CA TYR E 48 -38.25 12.62 -18.52
C TYR E 48 -38.60 12.98 -19.96
N LEU E 49 -37.81 13.86 -20.58
CA LEU E 49 -38.03 14.18 -21.99
C LEU E 49 -37.58 13.04 -22.90
N ASP E 50 -36.73 12.14 -22.41
CA ASP E 50 -36.31 10.97 -23.18
C ASP E 50 -37.32 9.85 -23.13
N LEU E 51 -38.56 10.12 -22.72
CA LEU E 51 -39.58 9.10 -22.65
C LEU E 51 -39.90 8.54 -24.03
N PHE E 52 -39.97 9.41 -25.04
CA PHE E 52 -40.38 8.97 -26.38
C PHE E 52 -39.32 8.08 -27.02
N THR E 53 -38.04 8.40 -26.85
CA THR E 53 -36.96 7.72 -27.53
C THR E 53 -36.23 6.77 -26.58
N SER E 54 -35.90 5.58 -27.08
CA SER E 54 -35.05 4.62 -26.40
C SER E 54 -35.62 4.23 -25.02
N PHE E 55 -36.79 3.60 -25.06
CA PHE E 55 -37.36 3.03 -23.84
C PHE E 55 -36.46 1.91 -23.32
N ILE E 56 -36.28 1.87 -22.00
CA ILE E 56 -35.38 0.90 -21.39
C ILE E 56 -36.14 -0.32 -20.89
N SER E 57 -37.26 -0.10 -20.20
CA SER E 57 -38.07 -1.20 -19.69
C SER E 57 -39.50 -0.69 -19.50
N LEU E 58 -40.42 -1.64 -19.37
CA LEU E 58 -41.82 -1.28 -19.17
C LEU E 58 -42.01 -0.53 -17.85
N TYR E 59 -41.32 -0.96 -16.79
CA TYR E 59 -41.41 -0.25 -15.52
C TYR E 59 -40.87 1.17 -15.64
N ASN E 60 -39.75 1.33 -16.34
CA ASN E 60 -39.13 2.65 -16.47
C ASN E 60 -40.06 3.65 -17.15
N THR E 61 -40.46 3.34 -18.39
CA THR E 61 -41.33 4.24 -19.14
C THR E 61 -42.70 4.36 -18.47
N SER E 62 -43.20 3.27 -17.89
CA SER E 62 -44.48 3.32 -17.20
C SER E 62 -44.44 4.28 -16.02
N MET E 63 -43.39 4.23 -15.22
CA MET E 63 -43.26 5.13 -14.08
C MET E 63 -43.09 6.57 -14.54
N LYS E 64 -42.30 6.79 -15.60
CA LYS E 64 -42.16 8.14 -16.14
C LYS E 64 -43.52 8.69 -16.57
N LEU E 65 -44.29 7.89 -17.29
CA LEU E 65 -45.61 8.33 -17.75
C LEU E 65 -46.55 8.56 -16.59
N ILE E 66 -46.50 7.71 -15.57
CA ILE E 66 -47.37 7.87 -14.41
C ILE E 66 -47.06 9.18 -13.70
N TYR E 67 -45.78 9.46 -13.48
CA TYR E 67 -45.39 10.72 -12.84
C TYR E 67 -45.85 11.91 -13.66
N ILE E 68 -45.57 11.90 -14.97
CA ILE E 68 -45.93 13.04 -15.82
C ILE E 68 -47.44 13.23 -15.83
N ALA E 69 -48.20 12.15 -16.00
CA ALA E 69 -49.64 12.26 -16.08
C ALA E 69 -50.25 12.71 -14.75
N CYS E 70 -49.76 12.18 -13.63
CA CYS E 70 -50.29 12.59 -12.34
C CYS E 70 -50.01 14.06 -12.06
N SER E 71 -48.80 14.51 -12.37
CA SER E 71 -48.48 15.92 -12.13
C SER E 71 -49.30 16.83 -13.05
N TYR E 72 -49.45 16.44 -14.32
CA TYR E 72 -50.26 17.24 -15.24
C TYR E 72 -51.72 17.25 -14.81
N ALA E 73 -52.22 16.14 -14.30
CA ALA E 73 -53.60 16.10 -13.80
C ALA E 73 -53.76 16.99 -12.58
N THR E 74 -52.76 17.02 -11.69
CA THR E 74 -52.81 17.92 -10.55
C THR E 74 -52.84 19.38 -11.01
N VAL E 75 -52.00 19.72 -12.00
CA VAL E 75 -51.99 21.08 -12.52
C VAL E 75 -53.31 21.43 -13.17
N TYR E 76 -53.89 20.49 -13.92
CA TYR E 76 -55.19 20.72 -14.55
C TYR E 76 -56.29 20.92 -13.52
N LEU E 77 -56.29 20.12 -12.46
CA LEU E 77 -57.30 20.27 -11.42
C LEU E 77 -57.15 21.60 -10.71
N ILE E 78 -55.91 22.04 -10.48
CA ILE E 78 -55.69 23.30 -9.78
C ILE E 78 -56.10 24.49 -10.66
N TYR E 79 -55.71 24.47 -11.94
CA TYR E 79 -55.85 25.65 -12.78
C TYR E 79 -57.03 25.61 -13.74
N MET E 80 -57.52 24.42 -14.11
CA MET E 80 -58.60 24.30 -15.08
C MET E 80 -59.89 23.79 -14.46
N LYS E 81 -59.84 22.64 -13.77
CA LYS E 81 -61.06 22.04 -13.25
C LYS E 81 -61.59 22.82 -12.06
N PHE E 82 -60.78 22.96 -11.01
CA PHE E 82 -61.20 23.56 -9.75
C PHE E 82 -60.49 24.88 -9.50
N LYS E 83 -60.32 25.68 -10.55
CA LYS E 83 -59.67 26.98 -10.40
C LYS E 83 -60.50 27.96 -9.58
N ALA E 84 -61.82 27.74 -9.48
CA ALA E 84 -62.66 28.64 -8.70
C ALA E 84 -62.28 28.60 -7.22
N THR E 85 -62.02 27.41 -6.69
CA THR E 85 -61.57 27.30 -5.30
C THR E 85 -60.13 27.72 -5.14
N TYR E 86 -59.35 27.64 -6.22
CA TYR E 86 -57.95 28.05 -6.17
C TYR E 86 -57.85 29.55 -5.92
N ASP E 87 -56.94 29.94 -5.03
CA ASP E 87 -56.76 31.33 -4.62
C ASP E 87 -55.36 31.79 -5.02
N GLY E 88 -55.26 32.41 -6.19
CA GLY E 88 -54.01 32.99 -6.62
C GLY E 88 -53.61 34.25 -5.90
N ASN E 89 -54.53 34.83 -5.13
CA ASN E 89 -54.22 36.05 -4.38
C ASN E 89 -53.14 35.79 -3.34
N HIS E 90 -53.20 34.65 -2.65
CA HIS E 90 -52.22 34.32 -1.64
C HIS E 90 -51.01 33.60 -2.21
N ASP E 91 -51.10 33.05 -3.42
CA ASP E 91 -49.97 32.44 -4.09
C ASP E 91 -49.36 33.44 -5.06
N THR E 92 -48.71 34.45 -4.49
CA THR E 92 -48.13 35.55 -5.25
C THR E 92 -46.65 35.36 -5.54
N PHE E 93 -46.10 34.18 -5.26
CA PHE E 93 -44.68 33.93 -5.47
C PHE E 93 -44.34 34.07 -6.96
N ARG E 94 -43.15 34.60 -7.22
CA ARG E 94 -42.68 34.81 -8.59
C ARG E 94 -41.90 33.58 -9.04
N VAL E 95 -42.45 32.84 -10.00
CA VAL E 95 -41.82 31.59 -10.44
C VAL E 95 -40.54 31.88 -11.21
N GLU E 96 -40.54 32.91 -12.04
CA GLU E 96 -39.36 33.24 -12.84
C GLU E 96 -38.14 33.48 -11.97
N PHE E 97 -38.36 34.05 -10.78
CA PHE E 97 -37.30 34.26 -9.80
C PHE E 97 -36.66 32.95 -9.36
N LEU E 98 -37.33 31.82 -9.57
CA LEU E 98 -36.74 30.51 -9.34
C LEU E 98 -36.17 29.90 -10.62
N ILE E 99 -36.92 29.97 -11.73
CA ILE E 99 -36.51 29.27 -12.94
C ILE E 99 -35.23 29.86 -13.51
N VAL E 100 -35.15 31.20 -13.57
CA VAL E 100 -33.99 31.84 -14.20
C VAL E 100 -32.69 31.56 -13.44
N PRO E 101 -32.60 31.78 -12.12
CA PRO E 101 -31.37 31.40 -11.42
C PRO E 101 -31.07 29.92 -11.50
N VAL E 102 -32.10 29.07 -11.47
CA VAL E 102 -31.89 27.63 -11.57
C VAL E 102 -31.35 27.26 -12.94
N GLY E 103 -31.88 27.88 -14.00
CA GLY E 103 -31.34 27.65 -15.33
C GLY E 103 -29.89 28.08 -15.45
N GLY E 104 -29.57 29.26 -14.93
CA GLY E 104 -28.19 29.72 -14.96
C GLY E 104 -27.27 28.79 -14.18
N LEU E 105 -27.70 28.35 -13.01
CA LEU E 105 -26.90 27.45 -12.19
C LEU E 105 -26.70 26.11 -12.88
N SER E 106 -27.74 25.62 -13.56
CA SER E 106 -27.61 24.40 -14.33
C SER E 106 -26.60 24.56 -15.46
N PHE E 107 -26.57 25.74 -16.09
CA PHE E 107 -25.56 25.99 -17.12
C PHE E 107 -24.16 26.03 -16.52
N LEU E 108 -24.01 26.61 -15.33
CA LEU E 108 -22.67 26.82 -14.77
C LEU E 108 -22.09 25.56 -14.14
N VAL E 109 -22.84 24.93 -13.22
CA VAL E 109 -22.26 24.01 -12.25
C VAL E 109 -22.46 22.54 -12.68
N ASN E 110 -22.97 22.31 -13.88
CA ASN E 110 -23.20 20.95 -14.35
C ASN E 110 -21.89 20.19 -14.51
N HIS E 111 -22.00 18.86 -14.56
CA HIS E 111 -20.82 18.02 -14.77
C HIS E 111 -20.26 18.20 -16.18
N ASP E 112 -21.12 18.09 -17.19
CA ASP E 112 -20.70 18.18 -18.58
C ASP E 112 -21.69 19.06 -19.33
N PHE E 113 -21.21 19.71 -20.39
CA PHE E 113 -22.02 20.68 -21.12
C PHE E 113 -22.61 20.01 -22.36
N SER E 114 -23.74 19.33 -22.15
CA SER E 114 -24.51 18.71 -23.21
C SER E 114 -26.00 18.95 -22.92
N PRO E 115 -26.84 18.97 -23.96
CA PRO E 115 -28.25 19.30 -23.72
C PRO E 115 -28.95 18.39 -22.74
N LEU E 116 -28.67 17.08 -22.78
CA LEU E 116 -29.33 16.16 -21.86
C LEU E 116 -28.80 16.32 -20.44
N GLU E 117 -27.50 16.52 -20.28
CA GLU E 117 -26.93 16.76 -18.97
C GLU E 117 -27.42 18.09 -18.40
N ILE E 118 -27.51 19.12 -19.25
CA ILE E 118 -28.04 20.40 -18.82
C ILE E 118 -29.48 20.25 -18.36
N LEU E 119 -30.29 19.51 -19.12
CA LEU E 119 -31.69 19.32 -18.75
C LEU E 119 -31.81 18.56 -17.44
N TRP E 120 -31.01 17.51 -17.26
CA TRP E 120 -31.09 16.75 -16.01
C TRP E 120 -30.68 17.60 -14.82
N THR E 121 -29.60 18.38 -14.95
CA THR E 121 -29.17 19.23 -13.86
C THR E 121 -30.20 20.30 -13.55
N PHE E 122 -30.82 20.87 -14.58
CA PHE E 122 -31.87 21.85 -14.37
C PHE E 122 -33.05 21.25 -13.64
N SER E 123 -33.45 20.03 -14.02
CA SER E 123 -34.55 19.36 -13.34
C SER E 123 -34.21 19.09 -11.89
N ILE E 124 -32.97 18.65 -11.62
CA ILE E 124 -32.56 18.37 -10.25
C ILE E 124 -32.62 19.63 -9.40
N TYR E 125 -32.08 20.73 -9.93
CA TYR E 125 -32.08 21.98 -9.17
C TYR E 125 -33.50 22.50 -8.94
N LEU E 126 -34.35 22.42 -9.97
CA LEU E 126 -35.72 22.90 -9.83
C LEU E 126 -36.49 22.05 -8.83
N GLU E 127 -36.25 20.73 -8.82
CA GLU E 127 -36.83 19.89 -7.78
C GLU E 127 -36.34 20.32 -6.41
N SER E 128 -35.06 20.67 -6.30
CA SER E 128 -34.52 21.13 -5.03
C SER E 128 -35.23 22.39 -4.55
N VAL E 129 -35.59 23.29 -5.45
CA VAL E 129 -36.26 24.53 -5.06
C VAL E 129 -37.73 24.53 -5.46
N ALA E 130 -38.32 23.36 -5.70
CA ALA E 130 -39.70 23.30 -6.19
C ALA E 130 -40.71 23.72 -5.13
N ILE E 131 -40.50 23.35 -3.86
CA ILE E 131 -41.52 23.50 -2.85
C ILE E 131 -41.61 24.92 -2.28
N LEU E 132 -40.74 25.83 -2.72
CA LEU E 132 -40.74 27.17 -2.15
C LEU E 132 -42.07 27.92 -2.29
N PRO E 133 -42.76 27.91 -3.44
CA PRO E 133 -44.07 28.58 -3.48
C PRO E 133 -45.07 28.04 -2.47
N GLN E 134 -45.08 26.73 -2.22
CA GLN E 134 -45.96 26.17 -1.21
C GLN E 134 -45.59 26.68 0.17
N LEU E 135 -44.29 26.75 0.45
CA LEU E 135 -43.83 27.26 1.74
C LEU E 135 -44.28 28.70 1.94
N PHE E 136 -44.14 29.52 0.90
CA PHE E 136 -44.57 30.92 1.00
C PHE E 136 -46.08 31.02 1.19
N MET E 137 -46.85 30.20 0.46
CA MET E 137 -48.30 30.26 0.57
C MET E 137 -48.77 29.88 1.97
N ILE E 138 -48.19 28.84 2.56
CA ILE E 138 -48.58 28.47 3.91
C ILE E 138 -48.07 29.49 4.93
N SER E 139 -46.87 30.03 4.72
CA SER E 139 -46.36 31.06 5.62
C SER E 139 -47.24 32.30 5.59
N LYS E 140 -47.89 32.58 4.47
CA LYS E 140 -48.81 33.71 4.40
C LYS E 140 -50.18 33.36 5.00
N THR E 141 -50.85 32.37 4.42
CA THR E 141 -52.19 32.03 4.87
C THR E 141 -52.20 31.47 6.28
N GLY E 142 -51.26 30.59 6.60
CA GLY E 142 -51.22 29.96 7.90
C GLY E 142 -51.97 28.65 8.01
N GLU E 143 -52.67 28.22 6.96
CA GLU E 143 -53.42 26.98 6.98
C GLU E 143 -53.33 26.32 5.61
N ALA E 144 -53.55 25.00 5.60
CA ALA E 144 -53.51 24.21 4.38
C ALA E 144 -54.68 23.24 4.42
N GLU E 145 -55.78 23.60 3.75
CA GLU E 145 -57.00 22.79 3.80
C GLU E 145 -56.86 21.48 3.06
N THR E 146 -55.89 21.34 2.17
CA THR E 146 -55.74 20.13 1.37
C THR E 146 -54.50 19.32 1.68
N ILE E 147 -53.44 19.96 2.18
CA ILE E 147 -52.26 19.21 2.59
C ILE E 147 -52.63 18.30 3.76
N THR E 148 -52.26 17.03 3.64
CA THR E 148 -52.62 16.01 4.62
C THR E 148 -51.38 15.48 5.33
N THR E 149 -51.61 14.83 6.46
CA THR E 149 -50.52 14.20 7.19
C THR E 149 -49.91 13.05 6.38
N HIS E 150 -50.74 12.33 5.63
CA HIS E 150 -50.24 11.26 4.78
C HIS E 150 -49.31 11.81 3.70
N TYR E 151 -49.70 12.93 3.08
CA TYR E 151 -48.87 13.53 2.03
C TYR E 151 -47.51 13.93 2.56
N LEU E 152 -47.49 14.66 3.68
CA LEU E 152 -46.22 15.10 4.26
C LEU E 152 -45.40 13.92 4.75
N PHE E 153 -46.05 12.92 5.34
CA PHE E 153 -45.32 11.75 5.82
C PHE E 153 -44.66 11.01 4.66
N PHE E 154 -45.36 10.86 3.54
CA PHE E 154 -44.79 10.18 2.40
C PHE E 154 -43.66 10.99 1.77
N LEU E 155 -43.82 12.32 1.72
CA LEU E 155 -42.73 13.16 1.22
C LEU E 155 -41.49 13.05 2.10
N GLY E 156 -41.68 13.07 3.42
CA GLY E 156 -40.56 12.94 4.33
C GLY E 156 -39.91 11.57 4.25
N LEU E 157 -40.72 10.52 4.08
CA LEU E 157 -40.16 9.19 3.87
C LEU E 157 -39.36 9.15 2.59
N TYR E 158 -39.85 9.81 1.54
CA TYR E 158 -39.12 9.91 0.28
C TYR E 158 -37.75 10.55 0.48
N ARG E 159 -37.73 11.70 1.17
CA ARG E 159 -36.47 12.40 1.39
C ARG E 159 -35.51 11.59 2.25
N ALA E 160 -36.02 10.99 3.34
CA ALA E 160 -35.17 10.19 4.21
C ALA E 160 -34.64 8.96 3.49
N LEU E 161 -35.43 8.40 2.57
CA LEU E 161 -34.97 7.24 1.81
C LEU E 161 -33.86 7.61 0.85
N TYR E 162 -33.95 8.76 0.18
CA TYR E 162 -32.78 9.19 -0.58
C TYR E 162 -31.58 9.52 0.30
N LEU E 163 -31.80 10.07 1.49
CA LEU E 163 -30.66 10.32 2.38
C LEU E 163 -29.94 9.02 2.73
N VAL E 164 -30.70 8.02 3.15
CA VAL E 164 -30.14 6.71 3.47
C VAL E 164 -29.49 6.10 2.22
N ASN E 165 -30.11 6.30 1.06
CA ASN E 165 -29.56 5.76 -0.18
C ASN E 165 -28.21 6.38 -0.50
N TRP E 166 -28.09 7.70 -0.32
CA TRP E 166 -26.81 8.37 -0.58
C TRP E 166 -25.74 7.87 0.38
N ILE E 167 -26.09 7.73 1.67
CA ILE E 167 -25.10 7.23 2.63
C ILE E 167 -24.68 5.81 2.26
N TRP E 168 -25.65 4.97 1.92
CA TRP E 168 -25.34 3.58 1.58
C TRP E 168 -24.48 3.48 0.33
N ARG E 169 -24.79 4.26 -0.69
CA ARG E 169 -23.99 4.25 -1.92
C ARG E 169 -22.58 4.77 -1.66
N TYR E 170 -22.45 5.82 -0.86
CA TYR E 170 -21.13 6.38 -0.60
C TYR E 170 -20.26 5.42 0.20
N TYR E 171 -20.86 4.70 1.15
CA TYR E 171 -20.06 3.86 2.03
C TYR E 171 -19.89 2.42 1.55
N PHE E 172 -20.73 1.96 0.62
CA PHE E 172 -20.61 0.60 0.12
C PHE E 172 -20.23 0.53 -1.35
N GLU E 173 -20.77 1.42 -2.18
CA GLU E 173 -20.48 1.43 -3.60
C GLU E 173 -19.45 2.48 -3.99
N GLY E 174 -19.06 3.35 -3.06
CA GLY E 174 -18.09 4.40 -3.37
C GLY E 174 -18.59 5.39 -4.40
N PHE E 175 -19.89 5.67 -4.41
CA PHE E 175 -20.51 6.56 -5.39
C PHE E 175 -21.17 7.71 -4.66
N PHE E 176 -20.82 8.93 -5.05
CA PHE E 176 -21.56 10.11 -4.60
C PHE E 176 -21.67 11.06 -5.78
N ASP E 177 -22.86 11.65 -5.94
CA ASP E 177 -23.13 12.62 -6.99
C ASP E 177 -23.25 13.97 -6.31
N LEU E 178 -22.19 14.78 -6.41
CA LEU E 178 -22.11 15.99 -5.59
C LEU E 178 -23.23 16.96 -5.92
N ILE E 179 -23.54 17.14 -7.20
CA ILE E 179 -24.68 17.98 -7.59
C ILE E 179 -25.96 17.41 -7.01
N ALA E 180 -26.18 16.11 -7.20
CA ALA E 180 -27.40 15.48 -6.70
C ALA E 180 -27.45 15.52 -5.18
N VAL E 181 -26.33 15.24 -4.51
CA VAL E 181 -26.31 15.25 -3.06
C VAL E 181 -26.62 16.64 -2.51
N VAL E 182 -26.01 17.67 -3.09
CA VAL E 182 -26.22 19.03 -2.58
C VAL E 182 -27.65 19.48 -2.83
N ALA E 183 -28.18 19.25 -4.04
CA ALA E 183 -29.54 19.65 -4.33
C ALA E 183 -30.53 18.88 -3.47
N GLY E 184 -30.28 17.59 -3.24
CA GLY E 184 -31.14 16.82 -2.38
C GLY E 184 -31.09 17.27 -0.93
N VAL E 185 -29.92 17.71 -0.46
CA VAL E 185 -29.82 18.26 0.88
C VAL E 185 -30.62 19.56 0.99
N VAL E 186 -30.54 20.42 -0.03
CA VAL E 186 -31.34 21.63 -0.03
C VAL E 186 -32.83 21.29 0.00
N GLN E 187 -33.23 20.32 -0.82
CA GLN E 187 -34.64 19.91 -0.84
C GLN E 187 -35.08 19.32 0.49
N THR E 188 -34.20 18.54 1.13
CA THR E 188 -34.53 17.94 2.42
C THR E 188 -34.69 19.01 3.48
N VAL E 189 -33.82 20.02 3.48
CA VAL E 189 -33.96 21.14 4.42
C VAL E 189 -35.26 21.88 4.18
N LEU E 190 -35.59 22.13 2.91
CA LEU E 190 -36.84 22.82 2.60
C LEU E 190 -38.04 22.00 3.03
N TYR E 191 -38.00 20.69 2.86
CA TYR E 191 -39.12 19.84 3.28
C TYR E 191 -39.22 19.77 4.79
N CYS E 192 -38.09 19.76 5.49
CA CYS E 192 -38.13 19.82 6.95
C CYS E 192 -38.75 21.12 7.43
N ASP E 193 -38.41 22.23 6.78
CA ASP E 193 -39.04 23.51 7.12
C ASP E 193 -40.53 23.47 6.78
N PHE E 194 -40.89 22.77 5.70
CA PHE E 194 -42.29 22.59 5.34
C PHE E 194 -43.06 21.86 6.44
N PHE E 195 -42.49 20.75 6.93
CA PHE E 195 -43.13 20.01 8.01
C PHE E 195 -43.21 20.85 9.27
N TYR E 196 -42.15 21.60 9.58
CA TYR E 196 -42.17 22.48 10.75
C TYR E 196 -43.29 23.50 10.66
N LEU E 197 -43.42 24.16 9.50
CA LEU E 197 -44.47 25.15 9.34
C LEU E 197 -45.85 24.52 9.45
N TYR E 198 -46.04 23.35 8.85
CA TYR E 198 -47.34 22.70 8.92
C TYR E 198 -47.71 22.32 10.34
N VAL E 199 -46.77 21.74 11.09
CA VAL E 199 -47.10 21.31 12.45
C VAL E 199 -47.29 22.50 13.37
N THR E 200 -46.47 23.54 13.24
CA THR E 200 -46.54 24.67 14.16
C THR E 200 -47.71 25.60 13.85
N LYS E 201 -48.13 25.70 12.59
CA LYS E 201 -49.09 26.71 12.18
C LYS E 201 -50.43 26.15 11.72
N VAL E 202 -50.45 24.94 11.17
CA VAL E 202 -51.70 24.33 10.74
C VAL E 202 -52.27 23.40 11.79
N LEU E 203 -51.42 22.59 12.41
CA LEU E 203 -51.86 21.68 13.46
C LEU E 203 -51.78 22.33 14.82
C1 GLC F . 24.48 25.68 -26.51
C2 GLC F . 25.05 25.75 -25.11
C3 GLC F . 24.73 24.50 -24.31
C4 GLC F . 23.23 24.16 -24.42
C5 GLC F . 22.78 24.20 -25.88
C6 GLC F . 21.29 23.93 -25.99
O1 GLC F . 25.10 24.62 -27.21
O2 GLC F . 26.46 25.89 -25.18
O3 GLC F . 25.08 24.71 -22.96
O4 GLC F . 22.99 22.88 -23.89
O5 GLC F . 23.09 25.45 -26.44
O6 GLC F . 21.01 23.37 -27.25
C1 GLC F . 22.61 22.78 -22.54
C2 GLC F . 23.20 21.51 -21.96
C3 GLC F . 22.64 20.29 -22.68
C4 GLC F . 21.12 20.34 -22.71
C5 GLC F . 20.63 21.69 -23.21
C6 GLC F . 19.11 21.76 -23.10
O2 GLC F . 24.60 21.53 -22.09
O3 GLC F . 23.04 19.13 -22.01
O4 GLC F . 20.63 19.34 -23.56
O5 GLC F . 21.20 22.73 -22.43
O6 GLC F . 18.56 20.61 -23.69
C210 POV G . -25.00 21.01 1.72
C211 POV G . -23.86 20.65 2.68
C212 POV G . -23.49 19.19 2.49
C213 POV G . -22.98 18.96 1.07
C214 POV G . -22.60 17.50 0.89
C215 POV G . -21.09 17.34 1.00
C216 POV G . -20.73 16.85 2.41
C22 POV G . -32.38 26.38 2.06
C23 POV G . -30.95 26.40 2.62
C24 POV G . -30.51 24.97 2.92
C25 POV G . -29.02 24.96 3.25
C26 POV G . -28.39 23.68 2.71
C27 POV G . -27.35 24.04 1.65
C28 POV G . -26.68 22.76 1.15
C29 POV G . -25.50 22.41 2.06
C210 POV H . -29.22 27.75 -1.92
C211 POV H . -30.52 27.89 -1.13
C212 POV H . -31.69 28.05 -2.10
C213 POV H . -33.00 27.96 -1.32
C214 POV H . -33.28 29.29 -0.63
C215 POV H . -34.39 29.10 0.40
C216 POV H . -35.07 30.44 0.67
C21 POV H . -20.21 22.30 -0.76
O21 POV H . -19.58 21.30 -0.74
C22 POV H . -20.89 22.76 -2.04
C23 POV H . -21.52 24.13 -1.83
C24 POV H . -22.86 23.95 -1.10
C25 POV H . -23.53 25.31 -0.93
C26 POV H . -24.95 25.25 -1.49
C27 POV H . -25.82 26.32 -0.84
C28 POV H . -26.98 26.66 -1.77
C29 POV H . -28.08 27.36 -0.98
C210 POV I . -44.36 3.22 0.08
C211 POV I . -45.69 2.57 -0.27
C212 POV I . -46.43 3.42 -1.30
C213 POV I . -47.70 2.71 -1.75
C214 POV I . -47.70 2.58 -3.27
C215 POV I . -48.11 3.91 -3.90
C216 POV I . -48.27 3.73 -5.42
C21 POV I . -36.52 -0.96 2.70
C22 POV I . -37.05 0.30 3.38
C23 POV I . -38.54 0.15 3.68
C24 POV I . -39.00 1.28 4.58
C25 POV I . -40.53 1.26 4.67
C26 POV I . -41.11 2.33 3.74
C27 POV I . -42.21 1.73 2.86
C28 POV I . -42.81 2.82 1.99
C29 POV I . -43.45 2.20 0.76
C210 POV J . -30.35 25.95 -6.17
C211 POV J . -30.66 27.33 -5.58
C212 POV J . -31.19 28.25 -6.68
C213 POV J . -32.50 28.88 -6.23
C214 POV J . -32.24 30.21 -5.51
C215 POV J . -33.32 30.43 -4.47
C216 POV J . -33.73 31.91 -4.45
C21 POV J . -20.26 21.74 -6.51
O21 POV J . -19.66 20.92 -7.10
C22 POV J . -21.73 21.49 -6.14
C23 POV J . -22.49 22.81 -6.12
C24 POV J . -23.99 22.54 -6.25
C25 POV J . -24.79 23.72 -5.69
C26 POV J . -26.17 23.74 -6.34
C27 POV J . -27.24 24.01 -5.29
C28 POV J . -28.60 24.18 -5.98
C29 POV J . -29.46 25.17 -5.20
#